data_8ZJR
#
_entry.id   8ZJR
#
_cell.length_a   1.00
_cell.length_b   1.00
_cell.length_c   1.00
_cell.angle_alpha   90.00
_cell.angle_beta   90.00
_cell.angle_gamma   90.00
#
_symmetry.space_group_name_H-M   'P 1'
#
loop_
_entity.id
_entity.type
_entity.pdbx_description
1 polymer 'Histone H3.2'
2 polymer 'Histone H4'
3 polymer 'Histone H2A type 1-B/E'
4 polymer 'Histone H2B type 1-K'
5 polymer 'DNA (147-MER)'
6 polymer 'DNA (147-MER)'
7 polymer 'DNA-binding protein RFX5'
#
loop_
_entity_poly.entity_id
_entity_poly.type
_entity_poly.pdbx_seq_one_letter_code
_entity_poly.pdbx_strand_id
1 'polypeptide(L)'
;GPMARTKQTARKSTGGKAPRKQLATKAARKSAPATGGVKKPHRYRPGTVALREIRRYQKSTELLIRKLPFQRLVREIAQD
FKTDLRFQSSAVMALQEASEAYLVGLFEDTNLAAIHAKRVTIMPKDIQLARRIRGERA
;
A,E
2 'polypeptide(L)'
;MADLMSGRGKGGKGLGKGGAKRHRKVLRDNIQGITKPAIRRLARRGGVKRISGLIYEETRGVLKVFLENVIRDAVTYTEH
AKRKTVTAMDVVYALKRQGRTLYGFGG
;
B,F
3 'polypeptide(L)'
;GPMSGRGKQGGKARAKAKTRSSRAGLQFPVGRVHRLLRKGNYSERVGAGAPVYLAAVLEYLTAEILELAGNAARDNKKTR
IIPRHLQLAIRNDEELNKLLGRVTIAQGGVLPNIQAVLLPKKTESHHKAKGK
;
C,G
4 'polypeptide(L)'
;MADLMPEPAKSAPAPKKGSKKAVTKAQKKDGKKRKRSRKESYSVYVYKVLKQVHPDTGISSKAMGIMNSFVNDIFERIAG
EASRLAHYNKRSTITSREIQTAVRLLLPGELAKHAVSEGTKAVTKYTSAK
;
D,H
5 'polydeoxyribonucleotide'
;(DA)(DT)(DC)(DC)(DA)(DC)(DA)(DC)(DG)(DT)(DT)(DA)(DC)(DA)(DC)(DG)(DA)(DC)(DG)(DC)
(DT)(DC)(DT)(DT)(DC)(DC)(DG)(DA)(DT)(DC)(DT)(DT)(DG)(DG)(DT)(DT)(DA)(DG)(DG)(DG)
(DT)(DG)(DC)(DA)(DA)(DG)(DC)(DA)(DT)(DG)(DA)(DT)(DC)(DC)(DC)(DT)(DT)(DC)(DG)(DA)
(DT)(DG)(DA)(DA)(DT)(DA)(DG)(DA)(DG)(DC)(DC)(DG)(DA)(DC)(DT)(DG)(DG)(DG)(DC)(DA)
(DT)(DA)(DG)(DT)(DA)(DA)(DC)(DG)(DC)(DG)(DT)(DG)(DG)(DG)(DT)(DT)(DG)(DG)(DT)(DG)
(DA)(DG)(DG)(DT)(DG)(DG)(DT)(DT)(DC)(DA)(DC)(DG)(DG)(DT)(DC)(DA)(DT)(DG)(DC)(DC)
(DG)(DC)(DT)(DT)(DG)(DG)(DG)(DT)(DA)(DA)(DG)(DC)(DA)(DG)(DA)(DT)(DC)(DG)(DG)(DA)
(DA)(DG)(DA)(DG)(DG)(DA)(DT)
;
I
6 'polydeoxyribonucleotide'
;(DA)(DT)(DC)(DC)(DT)(DC)(DT)(DT)(DC)(DC)(DG)(DA)(DT)(DC)(DT)(DG)(DC)(DT)(DT)(DA)
(DC)(DC)(DC)(DA)(DA)(DG)(DC)(DG)(DG)(DC)(DA)(DT)(DG)(DA)(DC)(DC)(DG)(DT)(DG)(DA)
(DA)(DC)(DC)(DA)(DC)(DC)(DT)(DC)(DA)(DC)(DC)(DA)(DA)(DC)(DC)(DC)(DA)(DC)(DG)(DC)
(DG)(DT)(DT)(DA)(DC)(DT)(DA)(DT)(DG)(DC)(DC)(DC)(DA)(DG)(DT)(DC)(DG)(DG)(DC)(DT)
(DC)(DT)(DA)(DT)(DT)(DC)(DA)(DT)(DC)(DG)(DA)(DA)(DG)(DG)(DG)(DA)(DT)(DC)(DA)(DT)
(DG)(DC)(DT)(DT)(DG)(DC)(DA)(DC)(DC)(DC)(DT)(DA)(DA)(DC)(DC)(DA)(DA)(DG)(DA)(DT)
(DC)(DG)(DG)(DA)(DA)(DG)(DA)(DG)(DC)(DG)(DT)(DC)(DG)(DT)(DG)(DT)(DA)(DA)(DC)(DG)
(DT)(DG)(DT)(DG)(DG)(DA)(DT)
;
J
7 'polypeptide(L)'
;MGSSHHHHHENLYFQGSDNDKLYLYLQLPSGPTTGDKSSEPSTLSNEEYMYAYRWIRNHLEEHTDTCLPKQSVYDAYRKY
CESLACCRPLSTANFGKIIREIFPDIKARRLGGRGQSKYCYSGIRRKTLVSMPPLPGLDLKGSESPEM
;
M
#
loop_
_chem_comp.id
_chem_comp.type
_chem_comp.name
_chem_comp.formula
DA DNA linking 2'-DEOXYADENOSINE-5'-MONOPHOSPHATE 'C10 H14 N5 O6 P'
DC DNA linking 2'-DEOXYCYTIDINE-5'-MONOPHOSPHATE 'C9 H14 N3 O7 P'
DG DNA linking 2'-DEOXYGUANOSINE-5'-MONOPHOSPHATE 'C10 H14 N5 O7 P'
DT DNA linking THYMIDINE-5'-MONOPHOSPHATE 'C10 H15 N2 O8 P'
#
# COMPACT_ATOMS: atom_id res chain seq x y z
N LYS A 40 -37.47 45.34 0.06
CA LYS A 40 -36.84 46.52 0.65
C LYS A 40 -35.55 46.21 1.44
N PRO A 41 -35.56 45.21 2.31
CA PRO A 41 -34.31 44.86 3.01
C PRO A 41 -33.26 44.35 2.03
N HIS A 42 -31.99 44.55 2.40
CA HIS A 42 -30.88 44.10 1.57
C HIS A 42 -30.84 42.57 1.57
N ARG A 43 -31.23 41.97 0.44
CA ARG A 43 -31.28 40.53 0.29
C ARG A 43 -30.22 40.09 -0.70
N TYR A 44 -29.23 39.35 -0.21
CA TYR A 44 -28.17 38.86 -1.08
C TYR A 44 -28.69 37.79 -2.04
N ARG A 45 -28.20 37.84 -3.27
CA ARG A 45 -28.59 36.85 -4.26
C ARG A 45 -27.97 35.49 -3.91
N PRO A 46 -28.65 34.40 -4.25
CA PRO A 46 -28.14 33.07 -3.88
C PRO A 46 -26.75 32.81 -4.43
N GLY A 47 -25.81 32.54 -3.52
CA GLY A 47 -24.43 32.23 -3.86
C GLY A 47 -23.42 33.15 -3.21
N THR A 48 -23.82 34.39 -2.92
CA THR A 48 -22.87 35.35 -2.35
C THR A 48 -22.48 34.95 -0.93
N VAL A 49 -23.48 34.66 -0.07
CA VAL A 49 -23.17 34.26 1.29
C VAL A 49 -22.46 32.93 1.33
N ALA A 50 -22.76 32.03 0.39
CA ALA A 50 -22.04 30.76 0.32
C ALA A 50 -20.56 30.99 0.03
N LEU A 51 -20.26 31.89 -0.90
CA LEU A 51 -18.86 32.20 -1.18
C LEU A 51 -18.19 32.90 0.00
N ARG A 52 -18.92 33.78 0.68
CA ARG A 52 -18.36 34.40 1.88
C ARG A 52 -18.01 33.37 2.93
N GLU A 53 -18.90 32.40 3.15
CA GLU A 53 -18.62 31.34 4.10
C GLU A 53 -17.44 30.48 3.65
N ILE A 54 -17.34 30.22 2.35
CA ILE A 54 -16.20 29.45 1.83
C ILE A 54 -14.90 30.18 2.13
N ARG A 55 -14.86 31.49 1.90
CA ARG A 55 -13.64 32.24 2.13
C ARG A 55 -13.35 32.41 3.62
N ARG A 56 -14.40 32.43 4.45
N ARG A 56 -14.40 32.42 4.46
CA ARG A 56 -14.21 32.64 5.89
CA ARG A 56 -14.21 32.64 5.88
C ARG A 56 -13.75 31.37 6.60
C ARG A 56 -13.77 31.38 6.60
N TYR A 57 -14.35 30.23 6.24
CA TYR A 57 -14.07 28.99 6.97
C TYR A 57 -12.79 28.31 6.49
N GLN A 58 -12.23 28.72 5.36
CA GLN A 58 -10.90 28.26 4.97
C GLN A 58 -9.79 29.10 5.57
N LYS A 59 -10.08 30.33 5.97
CA LYS A 59 -9.11 31.20 6.62
C LYS A 59 -8.94 30.90 8.10
N SER A 60 -9.87 30.16 8.70
CA SER A 60 -9.84 29.84 10.12
C SER A 60 -9.48 28.37 10.32
N THR A 61 -9.06 28.06 11.55
CA THR A 61 -8.64 26.71 11.91
C THR A 61 -9.44 26.12 13.06
N GLU A 62 -10.50 26.79 13.50
CA GLU A 62 -11.25 26.33 14.65
C GLU A 62 -12.06 25.08 14.32
N LEU A 63 -12.45 24.36 15.37
CA LEU A 63 -13.28 23.17 15.19
C LEU A 63 -14.68 23.59 14.79
N LEU A 64 -15.23 22.91 13.77
CA LEU A 64 -16.52 23.30 13.20
C LEU A 64 -17.68 22.53 13.79
N ILE A 65 -17.46 21.30 14.23
CA ILE A 65 -18.49 20.55 14.94
C ILE A 65 -18.46 20.94 16.41
N ARG A 66 -19.63 21.09 17.02
CA ARG A 66 -19.70 21.44 18.42
C ARG A 66 -19.06 20.34 19.27
N LYS A 67 -18.35 20.75 20.32
CA LYS A 67 -17.52 19.81 21.07
C LYS A 67 -18.37 18.83 21.86
N LEU A 68 -19.38 19.33 22.58
CA LEU A 68 -20.17 18.46 23.45
C LEU A 68 -20.97 17.42 22.66
N PRO A 69 -21.72 17.77 21.61
CA PRO A 69 -22.41 16.71 20.84
C PRO A 69 -21.47 15.68 20.25
N PHE A 70 -20.29 16.10 19.77
CA PHE A 70 -19.37 15.14 19.19
C PHE A 70 -18.79 14.22 20.27
N GLN A 71 -18.52 14.77 21.45
CA GLN A 71 -18.04 13.93 22.55
C GLN A 71 -19.10 12.92 22.96
N ARG A 72 -20.36 13.35 23.03
CA ARG A 72 -21.43 12.42 23.38
C ARG A 72 -21.60 11.35 22.31
N LEU A 73 -21.48 11.73 21.04
CA LEU A 73 -21.57 10.74 19.96
C LEU A 73 -20.43 9.74 20.04
N VAL A 74 -19.22 10.21 20.33
CA VAL A 74 -18.07 9.32 20.46
C VAL A 74 -18.29 8.35 21.61
N ARG A 75 -18.79 8.85 22.75
CA ARG A 75 -19.06 7.98 23.89
C ARG A 75 -20.12 6.94 23.55
N GLU A 76 -21.18 7.35 22.85
CA GLU A 76 -22.22 6.41 22.47
C GLU A 76 -21.67 5.34 21.53
N ILE A 77 -20.83 5.73 20.57
CA ILE A 77 -20.24 4.75 19.66
C ILE A 77 -19.34 3.79 20.41
N ALA A 78 -18.53 4.31 21.33
CA ALA A 78 -17.58 3.49 22.07
C ALA A 78 -18.25 2.61 23.13
N GLN A 79 -19.49 2.91 23.52
CA GLN A 79 -20.17 2.04 24.48
C GLN A 79 -20.59 0.71 23.87
N ASP A 80 -20.48 0.55 22.55
CA ASP A 80 -20.79 -0.71 21.89
C ASP A 80 -19.62 -1.67 21.87
N PHE A 81 -18.42 -1.22 22.25
CA PHE A 81 -17.24 -2.08 22.28
C PHE A 81 -16.77 -2.40 23.69
N LYS A 82 -17.05 -1.55 24.66
CA LYS A 82 -16.65 -1.80 26.04
C LYS A 82 -17.54 -0.97 26.95
N THR A 83 -18.27 -1.65 27.84
CA THR A 83 -19.15 -0.95 28.76
C THR A 83 -18.34 -0.24 29.85
N ASP A 84 -18.78 0.96 30.20
CA ASP A 84 -18.14 1.79 31.22
C ASP A 84 -16.65 2.00 30.90
N LEU A 85 -16.41 2.64 29.76
CA LEU A 85 -15.07 2.92 29.25
C LEU A 85 -14.85 4.43 29.32
N ARG A 86 -13.95 4.86 30.21
CA ARG A 86 -13.67 6.27 30.35
C ARG A 86 -12.88 6.80 29.15
N PHE A 87 -13.00 8.10 28.93
CA PHE A 87 -12.34 8.77 27.82
C PHE A 87 -11.50 9.91 28.38
N GLN A 88 -10.18 9.78 28.26
CA GLN A 88 -9.30 10.89 28.61
C GLN A 88 -9.64 12.08 27.74
N SER A 89 -9.77 13.27 28.34
CA SER A 89 -10.31 14.40 27.60
C SER A 89 -9.25 15.05 26.73
N SER A 90 -8.53 14.21 25.98
CA SER A 90 -7.75 14.62 24.83
C SER A 90 -7.89 13.68 23.65
N ALA A 91 -8.26 12.42 23.89
CA ALA A 91 -8.57 11.50 22.79
C ALA A 91 -9.83 11.93 22.07
N VAL A 92 -10.80 12.50 22.79
CA VAL A 92 -12.00 13.04 22.14
C VAL A 92 -11.62 14.17 21.20
N MET A 93 -10.71 15.04 21.62
CA MET A 93 -10.27 16.13 20.75
C MET A 93 -9.51 15.60 19.53
N ALA A 94 -8.66 14.59 19.72
CA ALA A 94 -7.96 14.01 18.60
C ALA A 94 -8.93 13.36 17.62
N LEU A 95 -9.94 12.66 18.14
CA LEU A 95 -10.97 12.08 17.28
C LEU A 95 -11.70 13.16 16.51
N GLN A 96 -12.01 14.28 17.17
CA GLN A 96 -12.70 15.37 16.48
C GLN A 96 -11.84 15.97 15.37
N GLU A 97 -10.56 16.21 15.65
CA GLU A 97 -9.67 16.75 14.63
C GLU A 97 -9.58 15.81 13.44
N ALA A 98 -9.38 14.52 13.70
CA ALA A 98 -9.26 13.55 12.62
C ALA A 98 -10.55 13.45 11.81
N SER A 99 -11.70 13.43 12.49
CA SER A 99 -12.98 13.32 11.80
C SER A 99 -13.25 14.56 10.95
N GLU A 100 -12.94 15.75 11.48
CA GLU A 100 -13.16 16.96 10.70
C GLU A 100 -12.24 17.00 9.49
N ALA A 101 -10.97 16.60 9.65
CA ALA A 101 -10.07 16.56 8.50
C ALA A 101 -10.54 15.56 7.45
N TYR A 102 -11.00 14.39 7.89
CA TYR A 102 -11.51 13.38 6.97
C TYR A 102 -12.73 13.90 6.22
N LEU A 103 -13.66 14.54 6.94
CA LEU A 103 -14.86 15.05 6.30
C LEU A 103 -14.55 16.18 5.34
N VAL A 104 -13.59 17.04 5.68
CA VAL A 104 -13.23 18.14 4.79
C VAL A 104 -12.57 17.59 3.52
N GLY A 105 -11.67 16.62 3.65
CA GLY A 105 -11.10 16.01 2.46
C GLY A 105 -12.15 15.31 1.61
N LEU A 106 -13.09 14.61 2.26
CA LEU A 106 -14.15 13.94 1.53
C LEU A 106 -15.03 14.94 0.80
N PHE A 107 -15.28 16.10 1.40
CA PHE A 107 -16.09 17.11 0.75
C PHE A 107 -15.34 17.80 -0.39
N GLU A 108 -14.01 17.92 -0.28
CA GLU A 108 -13.23 18.39 -1.41
C GLU A 108 -13.35 17.43 -2.59
N ASP A 109 -13.22 16.12 -2.31
CA ASP A 109 -13.38 15.12 -3.37
C ASP A 109 -14.80 15.16 -3.93
N THR A 110 -15.79 15.34 -3.07
CA THR A 110 -17.18 15.41 -3.51
C THR A 110 -17.42 16.61 -4.41
N ASN A 111 -16.85 17.76 -4.06
CA ASN A 111 -16.97 18.95 -4.90
C ASN A 111 -16.29 18.74 -6.24
N LEU A 112 -15.11 18.10 -6.23
CA LEU A 112 -14.43 17.81 -7.49
C LEU A 112 -15.27 16.89 -8.38
N ALA A 113 -15.92 15.90 -7.77
CA ALA A 113 -16.78 15.01 -8.54
C ALA A 113 -18.02 15.73 -9.06
N ALA A 114 -18.60 16.61 -8.25
CA ALA A 114 -19.81 17.31 -8.66
C ALA A 114 -19.54 18.30 -9.79
N ILE A 115 -18.41 19.00 -9.73
CA ILE A 115 -18.05 19.90 -10.81
C ILE A 115 -17.76 19.12 -12.09
N HIS A 116 -17.21 17.92 -11.96
CA HIS A 116 -16.90 17.10 -13.13
C HIS A 116 -18.15 16.75 -13.92
N ALA A 117 -19.30 16.64 -13.26
CA ALA A 117 -20.56 16.30 -13.90
C ALA A 117 -21.34 17.54 -14.34
N LYS A 118 -20.65 18.65 -14.59
CA LYS A 118 -21.27 19.92 -14.98
C LYS A 118 -22.35 20.34 -13.99
N ARG A 119 -22.01 20.26 -12.71
CA ARG A 119 -22.92 20.61 -11.63
C ARG A 119 -22.17 21.40 -10.57
N VAL A 120 -22.93 22.15 -9.78
CA VAL A 120 -22.39 22.87 -8.63
C VAL A 120 -22.84 22.24 -7.32
N THR A 121 -24.12 21.89 -7.22
CA THR A 121 -24.65 21.24 -6.03
C THR A 121 -24.04 19.85 -5.88
N ILE A 122 -23.57 19.54 -4.67
CA ILE A 122 -23.03 18.21 -4.38
C ILE A 122 -24.16 17.31 -3.89
N MET A 123 -24.20 16.10 -4.41
CA MET A 123 -25.28 15.17 -4.19
C MET A 123 -24.76 13.88 -3.56
N PRO A 124 -25.62 13.06 -2.96
CA PRO A 124 -25.14 11.83 -2.34
C PRO A 124 -24.40 10.91 -3.29
N LYS A 125 -24.76 10.90 -4.58
CA LYS A 125 -24.01 10.09 -5.53
C LYS A 125 -22.58 10.58 -5.68
N ASP A 126 -22.35 11.89 -5.52
CA ASP A 126 -20.99 12.41 -5.56
C ASP A 126 -20.17 11.87 -4.39
N ILE A 127 -20.75 11.87 -3.18
CA ILE A 127 -20.05 11.30 -2.02
C ILE A 127 -19.77 9.83 -2.24
N GLN A 128 -20.76 9.09 -2.73
CA GLN A 128 -20.58 7.66 -2.96
C GLN A 128 -19.48 7.41 -3.98
N LEU A 129 -19.47 8.16 -5.08
CA LEU A 129 -18.43 7.98 -6.09
C LEU A 129 -17.05 8.32 -5.54
N ALA A 130 -16.94 9.42 -4.78
CA ALA A 130 -15.66 9.78 -4.20
C ALA A 130 -15.15 8.71 -3.27
N ARG A 131 -16.03 8.20 -2.40
CA ARG A 131 -15.61 7.16 -1.46
C ARG A 131 -15.28 5.86 -2.16
N ARG A 132 -15.95 5.57 -3.27
N ARG A 132 -15.95 5.57 -3.27
CA ARG A 132 -15.66 4.36 -4.03
CA ARG A 132 -15.65 4.35 -4.02
C ARG A 132 -14.32 4.46 -4.75
C ARG A 132 -14.32 4.46 -4.75
N ILE A 133 -14.05 5.61 -5.36
CA ILE A 133 -12.79 5.79 -6.08
C ILE A 133 -11.61 5.83 -5.10
N ARG A 134 -11.80 6.45 -3.93
CA ARG A 134 -10.76 6.41 -2.92
C ARG A 134 -10.43 4.98 -2.51
N GLY A 135 -11.42 4.09 -2.52
CA GLY A 135 -11.22 2.72 -2.14
C GLY A 135 -11.83 2.37 -0.81
N GLU A 136 -12.98 2.97 -0.50
CA GLU A 136 -13.66 2.74 0.76
C GLU A 136 -15.03 2.11 0.53
N VAL B 26 -26.78 6.00 30.02
CA VAL B 26 -26.84 5.45 28.68
C VAL B 26 -27.11 6.56 27.66
N LEU B 27 -26.65 6.38 26.43
CA LEU B 27 -26.82 7.36 25.36
C LEU B 27 -27.48 6.69 24.17
N ARG B 28 -28.33 7.44 23.47
CA ARG B 28 -28.98 6.93 22.28
C ARG B 28 -29.29 8.09 21.35
N ASP B 29 -29.14 7.83 20.04
CA ASP B 29 -29.50 8.78 18.99
C ASP B 29 -28.80 10.12 19.18
N ASN B 30 -27.46 10.07 19.16
CA ASN B 30 -26.66 11.28 19.23
C ASN B 30 -26.03 11.66 17.89
N ILE B 31 -26.17 10.81 16.87
CA ILE B 31 -25.69 11.17 15.55
C ILE B 31 -26.43 12.38 15.00
N GLN B 32 -27.66 12.62 15.48
CA GLN B 32 -28.35 13.85 15.17
C GLN B 32 -27.70 15.07 15.82
N GLY B 33 -26.79 14.85 16.77
CA GLY B 33 -26.02 15.95 17.33
C GLY B 33 -25.05 16.56 16.34
N ILE B 34 -24.69 15.82 15.29
CA ILE B 34 -23.94 16.39 14.18
C ILE B 34 -24.94 17.14 13.32
N THR B 35 -25.14 18.42 13.62
CA THR B 35 -26.26 19.16 13.09
C THR B 35 -26.05 19.49 11.61
N LYS B 36 -27.12 19.93 10.96
CA LYS B 36 -27.01 20.43 9.60
C LYS B 36 -26.06 21.62 9.49
N PRO B 37 -26.09 22.61 10.38
CA PRO B 37 -25.09 23.68 10.29
C PRO B 37 -23.68 23.26 10.68
N ALA B 38 -23.43 21.97 10.89
CA ALA B 38 -22.06 21.50 11.06
C ALA B 38 -21.57 20.81 9.80
N ILE B 39 -22.38 19.88 9.26
CA ILE B 39 -22.07 19.26 7.99
C ILE B 39 -21.94 20.33 6.91
N ARG B 40 -22.89 21.25 6.87
CA ARG B 40 -22.63 22.54 6.28
C ARG B 40 -21.71 23.32 7.21
N ARG B 41 -20.81 24.10 6.61
CA ARG B 41 -19.59 24.68 7.16
C ARG B 41 -18.45 23.68 7.20
N LEU B 42 -18.73 22.37 7.22
CA LEU B 42 -17.67 21.43 6.89
C LEU B 42 -17.51 21.33 5.38
N ALA B 43 -18.64 21.29 4.67
CA ALA B 43 -18.58 21.43 3.22
C ALA B 43 -18.03 22.78 2.82
N ARG B 44 -18.33 23.83 3.59
CA ARG B 44 -17.83 25.16 3.26
C ARG B 44 -16.33 25.25 3.46
N ARG B 45 -15.79 24.65 4.52
CA ARG B 45 -14.33 24.55 4.60
C ARG B 45 -13.78 23.71 3.46
N GLY B 46 -14.50 22.66 3.07
CA GLY B 46 -14.11 21.88 1.91
C GLY B 46 -14.20 22.63 0.59
N GLY B 47 -14.91 23.76 0.56
CA GLY B 47 -15.00 24.56 -0.64
C GLY B 47 -16.19 24.22 -1.50
N VAL B 48 -17.36 24.07 -0.90
CA VAL B 48 -18.58 23.68 -1.59
C VAL B 48 -19.53 24.87 -1.61
N LYS B 49 -20.06 25.19 -2.78
CA LYS B 49 -20.94 26.35 -2.94
C LYS B 49 -22.39 26.00 -2.67
N ARG B 50 -22.93 24.99 -3.35
CA ARG B 50 -24.32 24.57 -3.17
C ARG B 50 -24.34 23.15 -2.62
N ILE B 51 -25.34 22.88 -1.79
CA ILE B 51 -25.44 21.64 -1.03
C ILE B 51 -26.83 21.07 -1.19
N SER B 52 -26.91 19.79 -1.54
CA SER B 52 -28.20 19.13 -1.71
C SER B 52 -28.87 18.89 -0.36
N GLY B 53 -30.17 18.63 -0.40
CA GLY B 53 -30.92 18.42 0.82
C GLY B 53 -30.74 17.05 1.44
N LEU B 54 -30.29 16.06 0.66
CA LEU B 54 -30.16 14.69 1.13
C LEU B 54 -28.72 14.31 1.45
N ILE B 55 -27.81 15.28 1.52
CA ILE B 55 -26.40 14.96 1.74
C ILE B 55 -26.05 14.97 3.23
N TYR B 56 -26.86 15.62 4.07
CA TYR B 56 -26.56 15.66 5.50
C TYR B 56 -26.62 14.27 6.12
N GLU B 57 -27.63 13.48 5.76
N GLU B 57 -27.63 13.48 5.77
CA GLU B 57 -27.73 12.13 6.30
CA GLU B 57 -27.75 12.13 6.29
C GLU B 57 -26.60 11.24 5.79
C GLU B 57 -26.60 11.25 5.79
N GLU B 58 -26.21 11.42 4.52
CA GLU B 58 -25.08 10.66 3.99
C GLU B 58 -23.80 11.01 4.74
N THR B 59 -23.59 12.29 5.03
CA THR B 59 -22.41 12.70 5.79
C THR B 59 -22.45 12.15 7.21
N ARG B 60 -23.62 12.14 7.84
CA ARG B 60 -23.73 11.55 9.17
C ARG B 60 -23.40 10.07 9.15
N GLY B 61 -23.89 9.34 8.14
CA GLY B 61 -23.55 7.93 8.03
C GLY B 61 -22.07 7.69 7.81
N VAL B 62 -21.45 8.49 6.94
CA VAL B 62 -20.02 8.36 6.68
C VAL B 62 -19.22 8.66 7.94
N LEU B 63 -19.59 9.71 8.65
CA LEU B 63 -18.89 10.04 9.90
C LEU B 63 -19.07 8.94 10.92
N LYS B 64 -20.27 8.36 11.00
CA LYS B 64 -20.50 7.26 11.94
C LYS B 64 -19.63 6.07 11.63
N VAL B 65 -19.51 5.69 10.35
CA VAL B 65 -18.72 4.51 10.03
C VAL B 65 -17.23 4.76 10.27
N PHE B 66 -16.76 5.97 9.92
CA PHE B 66 -15.35 6.30 10.18
C PHE B 66 -15.05 6.30 11.67
N LEU B 67 -15.94 6.90 12.46
CA LEU B 67 -15.75 6.92 13.90
C LEU B 67 -15.81 5.52 14.49
N GLU B 68 -16.71 4.67 13.98
CA GLU B 68 -16.76 3.30 14.47
C GLU B 68 -15.46 2.58 14.22
N ASN B 69 -14.90 2.71 13.02
CA ASN B 69 -13.63 2.05 12.73
C ASN B 69 -12.52 2.55 13.64
N VAL B 70 -12.35 3.88 13.74
CA VAL B 70 -11.24 4.42 14.50
C VAL B 70 -11.40 4.10 15.99
N ILE B 71 -12.62 4.22 16.52
CA ILE B 71 -12.85 3.97 17.92
C ILE B 71 -12.68 2.48 18.25
N ARG B 72 -13.08 1.60 17.34
CA ARG B 72 -12.85 0.17 17.56
C ARG B 72 -11.35 -0.12 17.64
N ASP B 73 -10.56 0.45 16.73
CA ASP B 73 -9.12 0.24 16.79
C ASP B 73 -8.55 0.79 18.10
N ALA B 74 -8.98 1.97 18.50
CA ALA B 74 -8.48 2.56 19.74
C ALA B 74 -8.88 1.74 20.95
N VAL B 75 -10.08 1.15 20.93
CA VAL B 75 -10.53 0.34 22.06
C VAL B 75 -9.73 -0.96 22.15
N THR B 76 -9.41 -1.57 21.01
CA THR B 76 -8.51 -2.73 21.07
C THR B 76 -7.14 -2.32 21.60
N TYR B 77 -6.65 -1.16 21.17
CA TYR B 77 -5.36 -0.67 21.68
C TYR B 77 -5.39 -0.48 23.19
N THR B 78 -6.46 0.09 23.72
CA THR B 78 -6.56 0.34 25.15
C THR B 78 -6.95 -0.89 25.94
N GLU B 79 -7.48 -1.92 25.29
CA GLU B 79 -7.75 -3.18 25.97
C GLU B 79 -6.50 -4.05 26.07
N HIS B 80 -5.63 -3.98 25.07
CA HIS B 80 -4.36 -4.70 25.15
C HIS B 80 -3.46 -4.12 26.23
N ALA B 81 -3.66 -2.86 26.61
CA ALA B 81 -2.81 -2.19 27.59
C ALA B 81 -3.32 -2.36 29.01
N LYS B 82 -4.32 -3.22 29.24
CA LYS B 82 -4.90 -3.45 30.56
C LYS B 82 -5.42 -2.17 31.17
N ARG B 83 -5.94 -1.27 30.35
CA ARG B 83 -6.42 0.03 30.78
C ARG B 83 -7.93 0.11 30.63
N LYS B 84 -8.49 1.23 31.11
CA LYS B 84 -9.92 1.49 30.99
C LYS B 84 -10.22 2.91 30.52
N THR B 85 -9.21 3.71 30.22
CA THR B 85 -9.39 5.04 29.67
C THR B 85 -8.70 5.12 28.31
N VAL B 86 -9.43 5.58 27.30
CA VAL B 86 -8.90 5.67 25.94
C VAL B 86 -7.98 6.88 25.90
N THR B 87 -6.67 6.64 25.98
CA THR B 87 -5.70 7.72 25.93
C THR B 87 -5.63 8.31 24.52
N ALA B 88 -5.21 9.57 24.44
CA ALA B 88 -5.03 10.20 23.13
C ALA B 88 -3.99 9.48 22.30
N MET B 89 -3.00 8.87 22.95
CA MET B 89 -2.02 8.07 22.22
C MET B 89 -2.67 6.89 21.52
N ASP B 90 -3.65 6.27 22.17
CA ASP B 90 -4.37 5.16 21.55
C ASP B 90 -5.11 5.60 20.30
N VAL B 91 -5.76 6.77 20.36
CA VAL B 91 -6.46 7.29 19.20
C VAL B 91 -5.47 7.62 18.09
N VAL B 92 -4.32 8.20 18.44
CA VAL B 92 -3.30 8.53 17.45
C VAL B 92 -2.81 7.26 16.76
N TYR B 93 -2.55 6.21 17.53
CA TYR B 93 -2.09 4.95 16.94
C TYR B 93 -3.18 4.33 16.08
N ALA B 94 -4.44 4.41 16.51
CA ALA B 94 -5.54 3.87 15.71
C ALA B 94 -5.64 4.59 14.37
N LEU B 95 -5.51 5.92 14.38
CA LEU B 95 -5.53 6.67 13.13
C LEU B 95 -4.33 6.34 12.25
N LYS B 96 -3.15 6.19 12.85
N LYS B 96 -3.16 6.20 12.85
CA LYS B 96 -1.96 5.85 12.10
CA LYS B 96 -1.96 5.86 12.09
C LYS B 96 -2.06 4.47 11.46
C LYS B 96 -2.08 4.47 11.45
N ARG B 97 -2.78 3.56 12.11
CA ARG B 97 -2.95 2.21 11.55
C ARG B 97 -3.68 2.24 10.21
N GLN B 98 -4.58 3.21 10.01
CA GLN B 98 -5.33 3.33 8.76
C GLN B 98 -4.67 4.27 7.78
N GLY B 99 -3.47 4.76 8.07
CA GLY B 99 -2.77 5.65 7.18
C GLY B 99 -3.02 7.13 7.40
N ARG B 100 -3.92 7.48 8.31
CA ARG B 100 -4.22 8.88 8.59
C ARG B 100 -3.42 9.32 9.82
N THR B 101 -2.13 9.56 9.60
CA THR B 101 -1.27 10.01 10.68
C THR B 101 -1.71 11.38 11.19
N LEU B 102 -1.75 11.53 12.51
CA LEU B 102 -2.20 12.76 13.15
C LEU B 102 -1.05 13.40 13.90
N TYR B 103 -0.79 14.67 13.60
CA TYR B 103 0.26 15.44 14.28
C TYR B 103 -0.38 16.41 15.27
N GLY B 104 0.11 16.40 16.50
CA GLY B 104 -0.34 17.36 17.47
C GLY B 104 -0.67 16.79 18.83
N PHE B 105 -0.66 15.46 18.94
CA PHE B 105 -1.00 14.79 20.19
C PHE B 105 0.02 13.73 20.59
N GLY B 106 1.16 13.68 19.92
CA GLY B 106 2.19 12.70 20.24
C GLY B 106 2.54 11.81 19.08
N GLY B 107 3.81 11.39 19.00
CA GLY B 107 4.25 10.52 17.93
C GLY B 107 5.43 9.66 18.32
N LYS C 18 6.41 -35.49 19.01
CA LYS C 18 7.55 -34.82 19.64
C LYS C 18 7.77 -33.44 19.04
N THR C 19 7.56 -33.33 17.73
CA THR C 19 7.74 -32.05 17.05
C THR C 19 6.72 -31.04 17.57
N ARG C 20 7.17 -29.79 17.73
CA ARG C 20 6.34 -28.79 18.38
C ARG C 20 5.12 -28.41 17.53
N SER C 21 5.24 -28.50 16.21
CA SER C 21 4.10 -28.17 15.35
C SER C 21 2.98 -29.20 15.46
N SER C 22 3.27 -30.40 15.94
CA SER C 22 2.24 -31.41 16.17
C SER C 22 1.72 -31.42 17.60
N ARG C 23 2.49 -30.92 18.55
CA ARG C 23 2.00 -30.81 19.92
C ARG C 23 0.87 -29.79 20.02
N ALA C 24 0.81 -28.85 19.08
CA ALA C 24 -0.27 -27.88 19.01
C ALA C 24 -1.39 -28.32 18.07
N GLY C 25 -1.28 -29.50 17.47
CA GLY C 25 -2.30 -29.99 16.56
C GLY C 25 -2.47 -29.14 15.32
N LEU C 26 -1.35 -28.78 14.69
CA LEU C 26 -1.34 -27.91 13.53
C LEU C 26 -0.71 -28.64 12.35
N GLN C 27 -0.75 -27.98 11.19
CA GLN C 27 -0.04 -28.42 10.01
C GLN C 27 1.12 -27.51 9.62
N PHE C 28 0.99 -26.21 9.89
CA PHE C 28 2.09 -25.29 9.64
C PHE C 28 3.20 -25.53 10.67
N PRO C 29 4.44 -25.21 10.33
CA PRO C 29 5.54 -25.44 11.28
C PRO C 29 5.62 -24.29 12.28
N VAL C 30 5.74 -24.65 13.57
CA VAL C 30 5.92 -23.62 14.57
C VAL C 30 7.39 -23.36 14.88
N GLY C 31 8.28 -24.32 14.59
CA GLY C 31 9.70 -24.05 14.71
C GLY C 31 10.18 -23.03 13.69
N ARG C 32 9.75 -23.17 12.44
CA ARG C 32 10.11 -22.19 11.42
C ARG C 32 9.52 -20.82 11.72
N VAL C 33 8.28 -20.77 12.18
CA VAL C 33 7.67 -19.49 12.55
C VAL C 33 8.42 -18.87 13.72
N HIS C 34 8.81 -19.69 14.71
CA HIS C 34 9.57 -19.19 15.84
C HIS C 34 10.91 -18.62 15.39
N ARG C 35 11.61 -19.33 14.48
CA ARG C 35 12.89 -18.83 14.00
C ARG C 35 12.72 -17.53 13.22
N LEU C 36 11.68 -17.44 12.39
CA LEU C 36 11.45 -16.22 11.63
C LEU C 36 11.03 -15.06 12.54
N LEU C 37 10.33 -15.35 13.62
CA LEU C 37 9.91 -14.32 14.56
C LEU C 37 11.07 -13.86 15.45
N ARG C 38 12.03 -14.73 15.71
CA ARG C 38 13.17 -14.37 16.55
C ARG C 38 14.27 -13.69 15.74
N LYS C 39 14.50 -14.14 14.51
CA LYS C 39 15.54 -13.58 13.66
C LYS C 39 15.05 -12.42 12.81
N GLY C 40 13.76 -12.13 12.82
CA GLY C 40 13.21 -11.01 12.09
C GLY C 40 13.35 -9.68 12.78
N ASN C 41 13.90 -9.67 14.00
CA ASN C 41 14.10 -8.45 14.78
C ASN C 41 12.78 -7.71 15.00
N TYR C 42 11.83 -8.43 15.59
CA TYR C 42 10.56 -7.84 15.99
C TYR C 42 10.54 -7.46 17.47
N SER C 43 11.29 -8.18 18.30
CA SER C 43 11.39 -7.86 19.72
C SER C 43 12.63 -8.53 20.29
N GLU C 44 13.01 -8.10 21.49
CA GLU C 44 14.18 -8.68 22.15
C GLU C 44 13.95 -10.15 22.48
N ARG C 45 12.76 -10.49 22.95
CA ARG C 45 12.40 -11.86 23.29
C ARG C 45 11.09 -12.23 22.62
N VAL C 46 10.89 -13.53 22.43
CA VAL C 46 9.66 -14.05 21.84
C VAL C 46 9.12 -15.13 22.77
N GLY C 47 7.87 -14.97 23.20
CA GLY C 47 7.27 -15.93 24.08
C GLY C 47 7.07 -17.28 23.41
N ALA C 48 7.00 -18.33 24.24
CA ALA C 48 6.84 -19.68 23.74
C ALA C 48 5.45 -19.93 23.16
N GLY C 49 4.49 -19.06 23.42
CA GLY C 49 3.15 -19.20 22.91
C GLY C 49 2.81 -18.36 21.70
N ALA C 50 3.74 -17.52 21.25
CA ALA C 50 3.51 -16.67 20.08
C ALA C 50 3.65 -17.44 18.77
N PRO C 51 4.69 -18.25 18.58
CA PRO C 51 4.76 -19.04 17.33
C PRO C 51 3.57 -19.96 17.14
N VAL C 52 3.04 -20.55 18.21
CA VAL C 52 1.88 -21.42 18.10
C VAL C 52 0.68 -20.64 17.60
N TYR C 53 0.43 -19.47 18.21
CA TYR C 53 -0.70 -18.64 17.81
C TYR C 53 -0.56 -18.19 16.36
N LEU C 54 0.64 -17.75 15.98
CA LEU C 54 0.86 -17.29 14.61
C LEU C 54 0.69 -18.43 13.61
N ALA C 55 1.21 -19.62 13.92
CA ALA C 55 1.04 -20.75 13.02
C ALA C 55 -0.41 -21.14 12.88
N ALA C 56 -1.17 -21.10 13.99
CA ALA C 56 -2.59 -21.42 13.92
C ALA C 56 -3.34 -20.42 13.06
N VAL C 57 -3.04 -19.13 13.22
CA VAL C 57 -3.72 -18.10 12.43
C VAL C 57 -3.37 -18.26 10.95
N LEU C 58 -2.09 -18.49 10.65
CA LEU C 58 -1.68 -18.67 9.26
C LEU C 58 -2.35 -19.89 8.65
N GLU C 59 -2.42 -20.99 9.38
CA GLU C 59 -3.04 -22.20 8.87
C GLU C 59 -4.52 -21.99 8.64
N TYR C 60 -5.21 -21.29 9.55
CA TYR C 60 -6.63 -21.03 9.37
C TYR C 60 -6.87 -20.18 8.14
N LEU C 61 -6.09 -19.11 7.97
CA LEU C 61 -6.27 -18.24 6.80
C LEU C 61 -6.00 -19.00 5.50
N THR C 62 -4.92 -19.80 5.48
CA THR C 62 -4.60 -20.57 4.29
C THR C 62 -5.71 -21.58 3.99
N ALA C 63 -6.25 -22.23 5.03
CA ALA C 63 -7.31 -23.20 4.82
C ALA C 63 -8.56 -22.52 4.27
N GLU C 64 -8.90 -21.35 4.79
CA GLU C 64 -10.08 -20.64 4.29
C GLU C 64 -9.92 -20.27 2.82
N ILE C 65 -8.77 -19.68 2.48
CA ILE C 65 -8.57 -19.26 1.09
C ILE C 65 -8.52 -20.46 0.16
N LEU C 66 -7.87 -21.55 0.58
CA LEU C 66 -7.78 -22.73 -0.27
C LEU C 66 -9.14 -23.40 -0.43
N GLU C 67 -9.96 -23.41 0.61
CA GLU C 67 -11.31 -23.96 0.48
C GLU C 67 -12.14 -23.15 -0.49
N LEU C 68 -12.08 -21.82 -0.38
CA LEU C 68 -12.82 -20.99 -1.33
C LEU C 68 -12.29 -21.16 -2.75
N ALA C 69 -10.97 -21.29 -2.91
CA ALA C 69 -10.39 -21.49 -4.23
C ALA C 69 -10.83 -22.83 -4.82
N GLY C 70 -10.86 -23.88 -4.00
CA GLY C 70 -11.34 -25.15 -4.49
C GLY C 70 -12.80 -25.11 -4.90
N ASN C 71 -13.62 -24.41 -4.12
CA ASN C 71 -15.02 -24.25 -4.48
C ASN C 71 -15.17 -23.49 -5.81
N ALA C 72 -14.36 -22.46 -6.01
CA ALA C 72 -14.41 -21.71 -7.26
C ALA C 72 -13.84 -22.50 -8.43
N ALA C 73 -12.90 -23.41 -8.19
CA ALA C 73 -12.33 -24.22 -9.26
C ALA C 73 -13.26 -25.35 -9.67
N ARG C 74 -14.01 -25.92 -8.71
CA ARG C 74 -14.98 -26.96 -9.05
C ARG C 74 -16.12 -26.42 -9.89
N ASP C 75 -16.42 -25.12 -9.77
CA ASP C 75 -17.46 -24.52 -10.59
C ASP C 75 -17.07 -24.53 -12.07
N ASN C 76 -15.79 -24.29 -12.36
CA ASN C 76 -15.29 -24.33 -13.73
C ASN C 76 -15.02 -25.75 -14.22
N LYS C 77 -15.47 -26.77 -13.48
CA LYS C 77 -15.27 -28.17 -13.83
C LYS C 77 -13.79 -28.51 -13.99
N LYS C 78 -12.94 -27.88 -13.18
CA LYS C 78 -11.51 -28.13 -13.20
C LYS C 78 -11.10 -28.97 -11.99
N THR C 79 -9.82 -29.34 -11.96
CA THR C 79 -9.27 -30.11 -10.87
C THR C 79 -7.99 -29.51 -10.29
N ARG C 80 -7.50 -28.41 -10.85
CA ARG C 80 -6.29 -27.75 -10.38
C ARG C 80 -6.62 -26.31 -10.03
N ILE C 81 -6.08 -25.84 -8.90
CA ILE C 81 -6.25 -24.44 -8.49
C ILE C 81 -5.19 -23.61 -9.20
N ILE C 82 -5.63 -22.59 -9.93
CA ILE C 82 -4.74 -21.72 -10.68
C ILE C 82 -4.94 -20.30 -10.14
N PRO C 83 -4.08 -19.32 -10.48
CA PRO C 83 -4.26 -17.97 -9.95
C PRO C 83 -5.63 -17.37 -10.22
N ARG C 84 -6.26 -17.74 -11.33
CA ARG C 84 -7.61 -17.24 -11.60
C ARG C 84 -8.58 -17.68 -10.52
N HIS C 85 -8.48 -18.93 -10.08
CA HIS C 85 -9.36 -19.41 -9.02
C HIS C 85 -9.06 -18.74 -7.69
N LEU C 86 -7.79 -18.47 -7.41
CA LEU C 86 -7.44 -17.74 -6.19
C LEU C 86 -8.04 -16.34 -6.21
N GLN C 87 -7.93 -15.65 -7.34
CA GLN C 87 -8.52 -14.31 -7.44
C GLN C 87 -10.04 -14.37 -7.32
N LEU C 88 -10.67 -15.37 -7.93
CA LEU C 88 -12.11 -15.51 -7.81
C LEU C 88 -12.54 -15.75 -6.37
N ALA C 89 -11.79 -16.58 -5.64
CA ALA C 89 -12.10 -16.82 -4.24
C ALA C 89 -11.91 -15.57 -3.41
N ILE C 90 -10.83 -14.83 -3.65
CA ILE C 90 -10.53 -13.65 -2.83
C ILE C 90 -11.56 -12.55 -3.07
N ARG C 91 -11.86 -12.25 -4.33
CA ARG C 91 -12.71 -11.11 -4.64
C ARG C 91 -14.17 -11.36 -4.35
N ASN C 92 -14.58 -12.62 -4.15
CA ASN C 92 -15.98 -12.96 -3.93
C ASN C 92 -16.30 -13.15 -2.45
N ASP C 93 -15.39 -12.80 -1.55
CA ASP C 93 -15.63 -12.85 -0.11
C ASP C 93 -15.28 -11.49 0.47
N GLU C 94 -16.23 -10.87 1.16
CA GLU C 94 -16.04 -9.49 1.60
C GLU C 94 -14.86 -9.35 2.55
N GLU C 95 -14.75 -10.27 3.53
CA GLU C 95 -13.67 -10.17 4.51
C GLU C 95 -12.31 -10.42 3.86
N LEU C 96 -12.22 -11.44 3.03
CA LEU C 96 -10.95 -11.73 2.36
C LEU C 96 -10.59 -10.63 1.37
N ASN C 97 -11.58 -10.10 0.65
CA ASN C 97 -11.32 -9.00 -0.26
C ASN C 97 -10.81 -7.77 0.50
N LYS C 98 -11.40 -7.48 1.66
N LYS C 98 -11.40 -7.48 1.66
CA LYS C 98 -10.94 -6.35 2.45
CA LYS C 98 -10.95 -6.36 2.47
C LYS C 98 -9.54 -6.59 2.99
C LYS C 98 -9.54 -6.59 2.99
N LEU C 99 -9.24 -7.81 3.43
CA LEU C 99 -7.90 -8.10 3.95
C LEU C 99 -6.85 -7.98 2.85
N LEU C 100 -7.11 -8.61 1.70
CA LEU C 100 -6.24 -8.48 0.53
C LEU C 100 -6.83 -7.47 -0.44
N GLY C 101 -6.87 -6.21 0.01
CA GLY C 101 -7.46 -5.15 -0.78
C GLY C 101 -6.51 -4.52 -1.75
N ARG C 102 -5.30 -4.19 -1.30
CA ARG C 102 -4.28 -3.59 -2.14
C ARG C 102 -3.44 -4.62 -2.87
N VAL C 103 -3.67 -5.91 -2.61
CA VAL C 103 -2.85 -6.97 -3.17
C VAL C 103 -3.22 -7.21 -4.63
N THR C 104 -2.21 -7.32 -5.48
CA THR C 104 -2.39 -7.68 -6.88
C THR C 104 -1.95 -9.13 -7.08
N ILE C 105 -2.84 -9.95 -7.63
CA ILE C 105 -2.54 -11.36 -7.90
C ILE C 105 -2.02 -11.47 -9.32
N ALA C 106 -0.83 -12.04 -9.47
CA ALA C 106 -0.22 -12.18 -10.79
C ALA C 106 -0.98 -13.19 -11.62
N GLN C 107 -1.34 -12.79 -12.85
CA GLN C 107 -2.10 -13.63 -13.77
C GLN C 107 -3.41 -14.12 -13.13
N GLY C 108 -4.06 -13.24 -12.39
CA GLY C 108 -5.31 -13.58 -11.74
C GLY C 108 -6.52 -12.96 -12.39
N GLY C 109 -6.29 -12.04 -13.34
CA GLY C 109 -7.40 -11.41 -14.01
C GLY C 109 -8.18 -10.50 -13.08
N VAL C 110 -9.41 -10.20 -13.49
CA VAL C 110 -10.32 -9.38 -12.69
C VAL C 110 -11.67 -10.09 -12.60
N LEU C 111 -12.42 -9.72 -11.57
CA LEU C 111 -13.74 -10.30 -11.36
C LEU C 111 -14.71 -9.73 -12.39
N PRO C 112 -15.40 -10.56 -13.17
CA PRO C 112 -16.31 -10.02 -14.19
C PRO C 112 -17.49 -9.27 -13.62
N ASN C 113 -17.54 -7.96 -13.87
CA ASN C 113 -18.64 -7.12 -13.42
C ASN C 113 -18.84 -6.00 -14.44
N ILE C 114 -19.92 -6.07 -15.21
CA ILE C 114 -20.26 -5.05 -16.18
C ILE C 114 -21.35 -4.17 -15.58
N GLN C 115 -21.16 -2.87 -15.62
CA GLN C 115 -22.14 -1.94 -15.07
C GLN C 115 -23.45 -2.05 -15.84
N ALA C 116 -24.56 -2.01 -15.11
CA ALA C 116 -25.88 -2.22 -15.71
C ALA C 116 -26.26 -1.13 -16.69
N VAL C 117 -25.60 0.04 -16.63
CA VAL C 117 -25.92 1.12 -17.55
C VAL C 117 -25.49 0.76 -18.97
N LEU C 118 -24.36 0.08 -19.11
CA LEU C 118 -23.80 -0.21 -20.42
C LEU C 118 -24.48 -1.37 -21.12
N LEU C 119 -25.26 -2.18 -20.41
CA LEU C 119 -25.96 -3.29 -21.04
C LEU C 119 -27.05 -2.75 -21.96
N PRO C 120 -27.31 -3.41 -23.09
CA PRO C 120 -28.29 -2.88 -24.05
C PRO C 120 -29.72 -3.08 -23.58
N LYS C 121 -30.60 -2.25 -24.15
CA LYS C 121 -32.02 -2.34 -23.87
C LYS C 121 -32.82 -1.63 -24.97
N ARG D 38 17.56 -24.88 -1.88
CA ARG D 38 17.82 -24.94 -0.45
C ARG D 38 17.24 -23.73 0.28
N LYS D 39 16.20 -23.14 -0.31
CA LYS D 39 15.52 -21.98 0.26
C LYS D 39 14.24 -22.42 0.93
N GLU D 40 14.05 -22.01 2.18
CA GLU D 40 12.86 -22.38 2.93
C GLU D 40 11.62 -21.74 2.31
N SER D 41 10.52 -22.48 2.32
CA SER D 41 9.28 -22.03 1.71
C SER D 41 8.11 -22.72 2.42
N TYR D 42 6.90 -22.29 2.08
CA TYR D 42 5.67 -22.81 2.65
C TYR D 42 4.89 -23.66 1.65
N SER D 43 5.59 -24.44 0.83
CA SER D 43 4.91 -25.24 -0.18
C SER D 43 4.33 -26.51 0.42
N VAL D 44 5.12 -27.23 1.22
CA VAL D 44 4.67 -28.50 1.79
C VAL D 44 3.46 -28.29 2.68
N TYR D 45 3.50 -27.26 3.52
CA TYR D 45 2.43 -27.06 4.50
C TYR D 45 1.16 -26.55 3.83
N VAL D 46 1.30 -25.71 2.80
CA VAL D 46 0.13 -25.29 2.04
C VAL D 46 -0.49 -26.48 1.32
N TYR D 47 0.35 -27.39 0.79
CA TYR D 47 -0.19 -28.59 0.17
C TYR D 47 -0.91 -29.46 1.18
N LYS D 48 -0.35 -29.60 2.38
CA LYS D 48 -1.02 -30.38 3.42
C LYS D 48 -2.36 -29.77 3.79
N VAL D 49 -2.42 -28.45 3.92
CA VAL D 49 -3.67 -27.78 4.24
C VAL D 49 -4.69 -27.99 3.12
N LEU D 50 -4.25 -27.84 1.87
CA LEU D 50 -5.16 -28.02 0.74
C LEU D 50 -5.71 -29.44 0.69
N LYS D 51 -4.85 -30.43 0.95
N LYS D 51 -4.85 -30.43 0.95
CA LYS D 51 -5.32 -31.81 1.01
CA LYS D 51 -5.30 -31.81 1.00
C LYS D 51 -6.26 -32.04 2.18
C LYS D 51 -6.26 -32.04 2.18
N GLN D 52 -6.05 -31.31 3.28
CA GLN D 52 -6.97 -31.41 4.42
C GLN D 52 -8.35 -30.89 4.06
N VAL D 53 -8.43 -29.78 3.34
CA VAL D 53 -9.73 -29.19 3.02
C VAL D 53 -10.32 -29.82 1.75
N HIS D 54 -9.53 -29.93 0.68
CA HIS D 54 -9.99 -30.49 -0.58
C HIS D 54 -9.08 -31.66 -0.97
N PRO D 55 -9.47 -32.89 -0.64
CA PRO D 55 -8.57 -34.03 -0.86
C PRO D 55 -8.39 -34.42 -2.33
N ASP D 56 -9.16 -33.85 -3.25
CA ASP D 56 -9.09 -34.23 -4.65
C ASP D 56 -8.44 -33.18 -5.55
N THR D 57 -8.72 -31.90 -5.32
CA THR D 57 -8.22 -30.86 -6.20
C THR D 57 -6.73 -30.61 -5.96
N GLY D 58 -5.95 -30.60 -7.04
CA GLY D 58 -4.56 -30.23 -6.96
C GLY D 58 -4.35 -28.74 -7.06
N ILE D 59 -3.09 -28.32 -6.95
CA ILE D 59 -2.71 -26.92 -7.00
C ILE D 59 -1.57 -26.75 -7.97
N SER D 60 -1.61 -25.67 -8.75
CA SER D 60 -0.59 -25.40 -9.75
C SER D 60 0.65 -24.86 -9.08
N SER D 61 1.65 -24.45 -9.87
CA SER D 61 2.87 -23.88 -9.30
C SER D 61 2.78 -22.37 -9.15
N LYS D 62 2.11 -21.70 -10.10
CA LYS D 62 1.85 -20.27 -9.94
C LYS D 62 0.94 -20.02 -8.74
N ALA D 63 -0.10 -20.85 -8.58
CA ALA D 63 -0.97 -20.73 -7.43
C ALA D 63 -0.22 -21.02 -6.14
N MET D 64 0.67 -22.00 -6.17
CA MET D 64 1.47 -22.28 -4.98
C MET D 64 2.39 -21.11 -4.64
N GLY D 65 2.98 -20.48 -5.65
CA GLY D 65 3.79 -19.30 -5.40
C GLY D 65 2.98 -18.15 -4.83
N ILE D 66 1.76 -17.96 -5.33
CA ILE D 66 0.90 -16.92 -4.78
C ILE D 66 0.52 -17.24 -3.33
N MET D 67 0.25 -18.50 -3.03
CA MET D 67 -0.05 -18.89 -1.65
C MET D 67 1.15 -18.64 -0.75
N ASN D 68 2.35 -18.96 -1.22
CA ASN D 68 3.56 -18.70 -0.44
C ASN D 68 3.73 -17.20 -0.18
N SER D 69 3.51 -16.38 -1.21
CA SER D 69 3.63 -14.94 -1.04
C SER D 69 2.59 -14.41 -0.06
N PHE D 70 1.37 -14.94 -0.13
CA PHE D 70 0.32 -14.51 0.80
C PHE D 70 0.67 -14.89 2.23
N VAL D 71 1.17 -16.11 2.45
CA VAL D 71 1.54 -16.53 3.79
C VAL D 71 2.64 -15.65 4.34
N ASN D 72 3.66 -15.37 3.51
CA ASN D 72 4.76 -14.52 3.96
C ASN D 72 4.26 -13.10 4.29
N ASP D 73 3.40 -12.55 3.43
CA ASP D 73 2.92 -11.18 3.66
C ASP D 73 2.06 -11.09 4.90
N ILE D 74 1.17 -12.05 5.12
CA ILE D 74 0.31 -12.01 6.31
C ILE D 74 1.14 -12.22 7.57
N PHE D 75 2.12 -13.13 7.52
CA PHE D 75 3.01 -13.29 8.65
C PHE D 75 3.74 -12.01 8.96
N GLU D 76 4.26 -11.33 7.94
CA GLU D 76 4.96 -10.07 8.16
C GLU D 76 4.03 -9.02 8.75
N ARG D 77 2.80 -8.94 8.25
CA ARG D 77 1.84 -7.97 8.77
C ARG D 77 1.57 -8.20 10.25
N ILE D 78 1.25 -9.44 10.61
CA ILE D 78 0.90 -9.74 12.00
C ILE D 78 2.10 -9.56 12.91
N ALA D 79 3.28 -10.00 12.47
CA ALA D 79 4.48 -9.83 13.28
C ALA D 79 4.82 -8.36 13.49
N GLY D 80 4.70 -7.55 12.44
CA GLY D 80 4.96 -6.13 12.60
C GLY D 80 3.97 -5.45 13.53
N GLU D 81 2.69 -5.81 13.41
CA GLU D 81 1.69 -5.25 14.32
C GLU D 81 1.96 -5.66 15.76
N ALA D 82 2.35 -6.92 15.97
CA ALA D 82 2.68 -7.37 17.32
C ALA D 82 3.91 -6.66 17.86
N SER D 83 4.91 -6.42 17.01
CA SER D 83 6.09 -5.70 17.45
C SER D 83 5.74 -4.27 17.86
N ARG D 84 4.90 -3.60 17.06
CA ARG D 84 4.49 -2.24 17.42
C ARG D 84 3.69 -2.24 18.71
N LEU D 85 2.82 -3.24 18.89
CA LEU D 85 2.04 -3.34 20.12
C LEU D 85 2.95 -3.53 21.33
N ALA D 86 3.96 -4.39 21.20
CA ALA D 86 4.88 -4.60 22.31
C ALA D 86 5.73 -3.37 22.58
N HIS D 87 6.03 -2.58 21.56
CA HIS D 87 6.84 -1.38 21.78
C HIS D 87 6.01 -0.26 22.41
N TYR D 88 4.73 -0.15 22.05
CA TYR D 88 3.92 0.94 22.58
C TYR D 88 3.74 0.82 24.09
N ASN D 89 3.50 -0.39 24.59
CA ASN D 89 3.28 -0.61 26.01
C ASN D 89 4.58 -0.82 26.78
N LYS D 90 5.72 -0.45 26.18
CA LYS D 90 7.04 -0.58 26.81
C LYS D 90 7.34 -2.02 27.21
N ARG D 91 6.80 -2.98 26.46
CA ARG D 91 7.05 -4.38 26.70
C ARG D 91 8.22 -4.86 25.83
N SER D 92 8.79 -6.00 26.22
CA SER D 92 9.91 -6.58 25.49
C SER D 92 9.60 -7.93 24.86
N THR D 93 8.63 -8.67 25.37
CA THR D 93 8.29 -9.99 24.87
C THR D 93 7.06 -9.94 23.97
N ILE D 94 7.04 -10.84 23.00
CA ILE D 94 5.86 -11.07 22.17
C ILE D 94 5.24 -12.38 22.63
N THR D 95 4.14 -12.29 23.37
CA THR D 95 3.42 -13.47 23.83
C THR D 95 2.21 -13.71 22.94
N SER D 96 1.40 -14.71 23.32
CA SER D 96 0.20 -14.99 22.55
C SER D 96 -0.78 -13.84 22.60
N ARG D 97 -0.75 -13.03 23.67
CA ARG D 97 -1.66 -11.90 23.78
C ARG D 97 -1.39 -10.85 22.71
N GLU D 98 -0.10 -10.55 22.47
CA GLU D 98 0.23 -9.56 21.45
C GLU D 98 -0.19 -10.04 20.06
N ILE D 99 0.06 -11.31 19.75
CA ILE D 99 -0.35 -11.86 18.46
C ILE D 99 -1.86 -11.84 18.34
N GLN D 100 -2.57 -12.15 19.42
CA GLN D 100 -4.03 -12.14 19.40
C GLN D 100 -4.57 -10.74 19.13
N THR D 101 -4.01 -9.74 19.79
CA THR D 101 -4.46 -8.38 19.56
C THR D 101 -4.10 -7.89 18.16
N ALA D 102 -2.95 -8.30 17.64
CA ALA D 102 -2.60 -7.97 16.26
C ALA D 102 -3.57 -8.60 15.28
N VAL D 103 -3.97 -9.85 15.54
CA VAL D 103 -4.96 -10.51 14.70
C VAL D 103 -6.29 -9.77 14.75
N ARG D 104 -6.70 -9.36 15.96
CA ARG D 104 -7.91 -8.56 16.09
C ARG D 104 -7.82 -7.27 15.29
N LEU D 105 -6.63 -6.66 15.26
CA LEU D 105 -6.47 -5.38 14.57
C LEU D 105 -6.49 -5.55 13.06
N LEU D 106 -5.79 -6.54 12.53
CA LEU D 106 -5.65 -6.67 11.07
C LEU D 106 -6.85 -7.35 10.43
N LEU D 107 -7.11 -8.60 10.80
CA LEU D 107 -8.15 -9.37 10.12
C LEU D 107 -9.53 -8.77 10.42
N PRO D 108 -10.38 -8.59 9.41
CA PRO D 108 -11.66 -7.94 9.61
C PRO D 108 -12.82 -8.90 9.85
N GLY D 109 -13.81 -8.40 10.57
CA GLY D 109 -15.08 -9.10 10.72
C GLY D 109 -14.95 -10.47 11.34
N GLU D 110 -15.69 -11.43 10.76
CA GLU D 110 -15.71 -12.79 11.29
C GLU D 110 -14.37 -13.49 11.17
N LEU D 111 -13.52 -13.04 10.24
CA LEU D 111 -12.19 -13.64 10.11
C LEU D 111 -11.40 -13.47 11.39
N ALA D 112 -11.46 -12.28 12.00
CA ALA D 112 -10.76 -12.06 13.25
C ALA D 112 -11.28 -12.97 14.34
N LYS D 113 -12.60 -13.12 14.46
CA LYS D 113 -13.18 -13.98 15.49
C LYS D 113 -12.74 -15.42 15.32
N HIS D 114 -12.84 -15.95 14.10
CA HIS D 114 -12.48 -17.34 13.88
C HIS D 114 -10.98 -17.57 14.05
N ALA D 115 -10.16 -16.63 13.59
CA ALA D 115 -8.72 -16.78 13.76
C ALA D 115 -8.33 -16.73 15.22
N VAL D 116 -8.95 -15.85 16.00
CA VAL D 116 -8.69 -15.78 17.44
C VAL D 116 -9.11 -17.07 18.12
N SER D 117 -10.27 -17.62 17.75
CA SER D 117 -10.69 -18.89 18.32
C SER D 117 -9.72 -20.01 17.98
N GLU D 118 -9.26 -20.06 16.74
N GLU D 118 -9.25 -20.07 16.74
CA GLU D 118 -8.31 -21.11 16.34
CA GLU D 118 -8.31 -21.11 16.34
C GLU D 118 -6.98 -20.95 17.07
C GLU D 118 -6.98 -20.95 17.07
N GLY D 119 -6.49 -19.71 17.20
CA GLY D 119 -5.25 -19.50 17.92
C GLY D 119 -5.36 -19.86 19.39
N THR D 120 -6.48 -19.50 20.02
CA THR D 120 -6.67 -19.85 21.42
C THR D 120 -6.76 -21.36 21.60
N LYS D 121 -7.47 -22.05 20.69
CA LYS D 121 -7.55 -23.50 20.77
C LYS D 121 -6.17 -24.14 20.63
N ALA D 122 -5.38 -23.66 19.66
CA ALA D 122 -4.04 -24.21 19.46
C ALA D 122 -3.16 -23.95 20.68
N VAL D 123 -3.25 -22.76 21.26
CA VAL D 123 -2.42 -22.44 22.42
C VAL D 123 -2.79 -23.30 23.61
N THR D 124 -4.10 -23.43 23.89
CA THR D 124 -4.51 -24.25 25.02
C THR D 124 -4.21 -25.73 24.80
N LYS D 125 -4.18 -26.18 23.54
CA LYS D 125 -3.75 -27.55 23.27
C LYS D 125 -2.25 -27.70 23.42
N TYR D 126 -1.49 -26.63 23.16
CA TYR D 126 -0.03 -26.71 23.23
C TYR D 126 0.45 -26.86 24.66
N THR D 127 -0.05 -26.02 25.57
CA THR D 127 0.43 -26.06 26.95
C THR D 127 -0.01 -27.33 27.68
N SER D 128 -1.05 -27.99 27.22
CA SER D 128 -1.50 -29.25 27.84
C SER D 128 -0.79 -30.45 27.22
N ALA D 129 0.54 -30.40 27.24
CA ALA D 129 1.39 -31.46 26.69
C ALA D 129 1.03 -31.78 25.24
N PRO E 41 -24.31 -7.53 -46.33
CA PRO E 41 -23.58 -6.75 -45.33
C PRO E 41 -23.51 -7.45 -43.97
N HIS E 42 -24.65 -7.53 -43.27
CA HIS E 42 -24.73 -8.17 -41.96
C HIS E 42 -23.75 -7.53 -40.97
N ARG E 43 -23.62 -6.21 -41.05
CA ARG E 43 -22.72 -5.49 -40.16
C ARG E 43 -23.29 -5.48 -38.74
N TYR E 44 -22.44 -5.80 -37.77
CA TYR E 44 -22.85 -5.75 -36.38
C TYR E 44 -23.16 -4.31 -35.97
N ARG E 45 -24.26 -4.13 -35.25
CA ARG E 45 -24.60 -2.81 -34.75
C ARG E 45 -23.56 -2.37 -33.74
N PRO E 46 -23.06 -1.13 -33.82
CA PRO E 46 -22.05 -0.68 -32.86
C PRO E 46 -22.55 -0.77 -31.42
N GLY E 47 -21.67 -1.17 -30.53
CA GLY E 47 -21.98 -1.28 -29.12
C GLY E 47 -22.17 -2.70 -28.60
N THR E 48 -22.32 -3.68 -29.48
CA THR E 48 -22.43 -5.07 -29.03
C THR E 48 -21.12 -5.84 -29.14
N VAL E 49 -20.29 -5.52 -30.14
CA VAL E 49 -18.96 -6.12 -30.18
C VAL E 49 -18.12 -5.63 -29.03
N ALA E 50 -18.37 -4.40 -28.56
CA ALA E 50 -17.68 -3.91 -27.37
C ALA E 50 -18.04 -4.75 -26.15
N LEU E 51 -19.32 -5.09 -25.98
CA LEU E 51 -19.72 -5.94 -24.87
C LEU E 51 -19.17 -7.35 -25.02
N ARG E 52 -19.13 -7.86 -26.25
CA ARG E 52 -18.54 -9.18 -26.47
C ARG E 52 -17.07 -9.17 -26.07
N GLU E 53 -16.34 -8.12 -26.44
CA GLU E 53 -14.93 -8.03 -26.08
C GLU E 53 -14.76 -7.86 -24.58
N ILE E 54 -15.66 -7.12 -23.93
CA ILE E 54 -15.60 -6.97 -22.48
C ILE E 54 -15.75 -8.33 -21.80
N ARG E 55 -16.75 -9.09 -22.22
CA ARG E 55 -16.98 -10.41 -21.63
C ARG E 55 -15.84 -11.37 -21.96
N ARG E 56 -15.20 -11.19 -23.11
CA ARG E 56 -14.07 -12.05 -23.47
C ARG E 56 -12.84 -11.74 -22.62
N TYR E 57 -12.52 -10.46 -22.47
CA TYR E 57 -11.29 -10.05 -21.79
C TYR E 57 -11.44 -9.97 -20.28
N GLN E 58 -12.66 -10.04 -19.75
CA GLN E 58 -12.82 -10.07 -18.30
C GLN E 58 -12.75 -11.48 -17.74
N LYS E 59 -13.12 -12.48 -18.52
CA LYS E 59 -13.04 -13.87 -18.10
C LYS E 59 -11.73 -14.54 -18.50
N SER E 60 -10.82 -13.81 -19.15
CA SER E 60 -9.54 -14.33 -19.59
C SER E 60 -8.43 -13.66 -18.80
N THR E 61 -7.42 -14.44 -18.43
CA THR E 61 -6.38 -13.98 -17.51
C THR E 61 -5.00 -13.93 -18.15
N GLU E 62 -4.93 -13.76 -19.47
CA GLU E 62 -3.65 -13.63 -20.14
C GLU E 62 -3.13 -12.20 -19.98
N LEU E 63 -2.04 -11.87 -20.68
CA LEU E 63 -1.47 -10.54 -20.66
C LEU E 63 -1.87 -9.79 -21.92
N LEU E 64 -2.33 -8.56 -21.76
CA LEU E 64 -2.88 -7.79 -22.87
C LEU E 64 -1.81 -7.00 -23.61
N ILE E 65 -0.91 -6.33 -22.90
CA ILE E 65 0.18 -5.63 -23.54
C ILE E 65 1.21 -6.63 -24.05
N ARG E 66 1.62 -6.46 -25.30
CA ARG E 66 2.60 -7.37 -25.89
C ARG E 66 3.90 -7.31 -25.10
N LYS E 67 4.56 -8.46 -24.96
CA LYS E 67 5.67 -8.58 -24.02
C LYS E 67 6.90 -7.80 -24.50
N LEU E 68 7.28 -7.97 -25.77
CA LEU E 68 8.52 -7.34 -26.24
C LEU E 68 8.46 -5.82 -26.24
N PRO E 69 7.42 -5.16 -26.76
CA PRO E 69 7.38 -3.70 -26.65
C PRO E 69 7.37 -3.20 -25.22
N PHE E 70 6.72 -3.91 -24.30
CA PHE E 70 6.75 -3.48 -22.91
C PHE E 70 8.14 -3.63 -22.30
N GLN E 71 8.84 -4.72 -22.64
CA GLN E 71 10.20 -4.89 -22.16
C GLN E 71 11.11 -3.79 -22.71
N ARG E 72 10.95 -3.45 -23.99
CA ARG E 72 11.75 -2.37 -24.55
C ARG E 72 11.40 -1.03 -23.91
N LEU E 73 10.13 -0.81 -23.60
CA LEU E 73 9.73 0.41 -22.90
C LEU E 73 10.36 0.49 -21.51
N VAL E 74 10.37 -0.62 -20.78
CA VAL E 74 10.98 -0.64 -19.46
C VAL E 74 12.48 -0.35 -19.57
N ARG E 75 13.14 -0.97 -20.55
CA ARG E 75 14.57 -0.74 -20.73
C ARG E 75 14.85 0.73 -21.08
N GLU E 76 14.00 1.32 -21.92
CA GLU E 76 14.18 2.74 -22.25
C GLU E 76 13.95 3.62 -21.03
N ILE E 77 12.95 3.31 -20.21
CA ILE E 77 12.66 4.13 -19.04
C ILE E 77 13.82 4.05 -18.04
N ALA E 78 14.36 2.84 -17.83
CA ALA E 78 15.50 2.68 -16.94
C ALA E 78 16.80 3.21 -17.54
N GLN E 79 16.81 3.55 -18.83
CA GLN E 79 18.01 4.08 -19.45
C GLN E 79 18.41 5.44 -18.90
N ASP E 80 17.47 6.14 -18.25
CA ASP E 80 17.75 7.47 -17.72
C ASP E 80 18.31 7.46 -16.30
N PHE E 81 18.03 6.41 -15.53
CA PHE E 81 18.49 6.36 -14.15
C PHE E 81 19.94 5.90 -14.06
N LYS E 82 20.23 4.68 -14.52
CA LYS E 82 21.59 4.18 -14.55
C LYS E 82 21.81 3.43 -15.86
N THR E 83 22.93 3.69 -16.51
CA THR E 83 23.27 3.01 -17.75
C THR E 83 24.01 1.70 -17.46
N ASP E 84 23.99 0.82 -18.46
CA ASP E 84 24.60 -0.50 -18.38
C ASP E 84 24.06 -1.28 -17.18
N LEU E 85 22.74 -1.26 -17.05
CA LEU E 85 22.02 -2.00 -16.01
C LEU E 85 21.05 -2.94 -16.68
N ARG E 86 21.25 -4.24 -16.48
CA ARG E 86 20.44 -5.25 -17.14
C ARG E 86 19.15 -5.52 -16.35
N PHE E 87 18.19 -6.14 -17.03
CA PHE E 87 16.91 -6.48 -16.45
C PHE E 87 16.70 -7.98 -16.53
N GLN E 88 16.40 -8.60 -15.39
CA GLN E 88 16.01 -10.00 -15.40
C GLN E 88 14.67 -10.17 -16.12
N SER E 89 14.46 -11.37 -16.67
CA SER E 89 13.18 -11.64 -17.32
C SER E 89 12.04 -11.60 -16.31
N SER E 90 12.26 -12.13 -15.11
CA SER E 90 11.22 -12.11 -14.09
C SER E 90 10.91 -10.68 -13.66
N ALA E 91 11.91 -9.80 -13.64
CA ALA E 91 11.66 -8.41 -13.28
C ALA E 91 10.75 -7.73 -14.31
N VAL E 92 11.04 -7.94 -15.59
CA VAL E 92 10.18 -7.39 -16.64
C VAL E 92 8.78 -7.97 -16.55
N MET E 93 8.68 -9.27 -16.29
CA MET E 93 7.37 -9.91 -16.19
C MET E 93 6.57 -9.32 -15.03
N ALA E 94 7.21 -9.14 -13.87
CA ALA E 94 6.53 -8.56 -12.72
C ALA E 94 6.12 -7.11 -12.99
N LEU E 95 6.98 -6.34 -13.64
CA LEU E 95 6.63 -4.97 -13.99
C LEU E 95 5.41 -4.96 -14.91
N GLN E 96 5.37 -5.87 -15.88
CA GLN E 96 4.24 -5.92 -16.80
C GLN E 96 2.95 -6.28 -16.08
N GLU E 97 3.01 -7.28 -15.20
CA GLU E 97 1.80 -7.67 -14.46
C GLU E 97 1.29 -6.52 -13.59
N ALA E 98 2.20 -5.86 -12.87
CA ALA E 98 1.80 -4.75 -12.01
C ALA E 98 1.23 -3.60 -12.81
N SER E 99 1.87 -3.26 -13.94
CA SER E 99 1.37 -2.16 -14.76
C SER E 99 0.01 -2.48 -15.35
N GLU E 100 -0.19 -3.71 -15.81
CA GLU E 100 -1.49 -4.07 -16.37
C GLU E 100 -2.57 -4.03 -15.31
N ALA E 101 -2.28 -4.53 -14.10
CA ALA E 101 -3.27 -4.47 -13.03
C ALA E 101 -3.59 -3.02 -12.66
N TYR E 102 -2.56 -2.18 -12.58
CA TYR E 102 -2.77 -0.78 -12.25
C TYR E 102 -3.63 -0.09 -13.31
N LEU E 103 -3.34 -0.33 -14.58
CA LEU E 103 -4.10 0.31 -15.65
C LEU E 103 -5.53 -0.21 -15.69
N VAL E 104 -5.74 -1.49 -15.40
CA VAL E 104 -7.10 -2.03 -15.37
C VAL E 104 -7.90 -1.40 -14.24
N GLY E 105 -7.31 -1.28 -13.06
CA GLY E 105 -8.00 -0.61 -11.97
C GLY E 105 -8.30 0.84 -12.29
N LEU E 106 -7.33 1.54 -12.90
CA LEU E 106 -7.54 2.92 -13.28
C LEU E 106 -8.66 3.05 -14.31
N PHE E 107 -8.77 2.10 -15.22
CA PHE E 107 -9.84 2.15 -16.22
C PHE E 107 -11.18 1.80 -15.61
N GLU E 108 -11.22 0.94 -14.59
CA GLU E 108 -12.46 0.73 -13.86
C GLU E 108 -12.92 2.01 -13.20
N ASP E 109 -12.00 2.72 -12.54
CA ASP E 109 -12.36 3.99 -11.91
C ASP E 109 -12.77 5.02 -12.95
N THR E 110 -12.09 5.05 -14.10
CA THR E 110 -12.45 5.98 -15.17
C THR E 110 -13.84 5.69 -15.71
N ASN E 111 -14.18 4.40 -15.89
CA ASN E 111 -15.51 4.05 -16.33
C ASN E 111 -16.56 4.44 -15.30
N LEU E 112 -16.25 4.29 -14.01
CA LEU E 112 -17.17 4.74 -12.98
C LEU E 112 -17.39 6.25 -13.07
N ALA E 113 -16.32 7.01 -13.28
CA ALA E 113 -16.44 8.46 -13.41
C ALA E 113 -17.27 8.82 -14.65
N ALA E 114 -17.05 8.12 -15.76
CA ALA E 114 -17.80 8.40 -16.97
C ALA E 114 -19.28 8.12 -16.79
N ILE E 115 -19.61 7.01 -16.13
CA ILE E 115 -21.02 6.69 -15.88
C ILE E 115 -21.63 7.72 -14.93
N HIS E 116 -20.86 8.16 -13.93
CA HIS E 116 -21.35 9.20 -13.03
C HIS E 116 -21.59 10.51 -13.78
N ALA E 117 -20.80 10.78 -14.82
CA ALA E 117 -20.95 12.00 -15.61
C ALA E 117 -22.01 11.90 -16.69
N LYS E 118 -22.93 10.94 -16.57
CA LYS E 118 -24.01 10.74 -17.54
C LYS E 118 -23.49 10.42 -18.93
N ARG E 119 -22.35 9.73 -19.01
CA ARG E 119 -21.74 9.36 -20.28
C ARG E 119 -21.53 7.86 -20.35
N VAL E 120 -21.09 7.41 -21.51
CA VAL E 120 -20.73 6.01 -21.71
C VAL E 120 -19.30 5.97 -22.21
N THR E 121 -18.87 7.05 -22.86
CA THR E 121 -17.51 7.18 -23.38
C THR E 121 -16.62 7.77 -22.31
N ILE E 122 -15.51 7.10 -22.03
CA ILE E 122 -14.53 7.62 -21.09
C ILE E 122 -13.63 8.61 -21.80
N MET E 123 -13.24 9.66 -21.09
CA MET E 123 -12.54 10.81 -21.65
C MET E 123 -11.31 11.12 -20.83
N PRO E 124 -10.36 11.89 -21.38
CA PRO E 124 -9.15 12.23 -20.61
C PRO E 124 -9.45 12.92 -19.28
N LYS E 125 -10.47 13.78 -19.23
CA LYS E 125 -10.82 14.41 -17.96
C LYS E 125 -11.31 13.37 -16.95
N ASP E 126 -11.94 12.30 -17.44
CA ASP E 126 -12.35 11.22 -16.53
C ASP E 126 -11.15 10.55 -15.89
N ILE E 127 -10.12 10.26 -16.66
CA ILE E 127 -8.89 9.69 -16.11
C ILE E 127 -8.26 10.65 -15.13
N GLN E 128 -8.23 11.94 -15.48
CA GLN E 128 -7.62 12.93 -14.59
C GLN E 128 -8.36 13.01 -13.27
N LEU E 129 -9.69 12.99 -13.30
CA LEU E 129 -10.47 13.01 -12.07
C LEU E 129 -10.22 11.75 -11.25
N ALA E 130 -10.19 10.59 -11.91
CA ALA E 130 -9.97 9.34 -11.19
C ALA E 130 -8.62 9.33 -10.51
N ARG E 131 -7.58 9.86 -11.18
CA ARG E 131 -6.26 9.91 -10.57
C ARG E 131 -6.18 11.00 -9.51
N ARG E 132 -7.00 12.05 -9.62
CA ARG E 132 -6.97 13.13 -8.64
C ARG E 132 -7.63 12.70 -7.33
N ILE E 133 -8.76 11.98 -7.41
CA ILE E 133 -9.44 11.56 -6.20
C ILE E 133 -8.61 10.56 -5.42
N ARG E 134 -7.99 9.61 -6.12
CA ARG E 134 -7.19 8.57 -5.46
C ARG E 134 -5.94 9.11 -4.80
N GLY E 135 -5.57 10.37 -5.07
CA GLY E 135 -4.38 10.94 -4.46
C GLY E 135 -3.12 10.63 -5.24
N GLU E 136 -3.12 10.97 -6.53
CA GLU E 136 -1.97 10.76 -7.40
C GLU E 136 -1.52 11.99 -8.15
N ARG E 137 -2.36 13.01 -8.28
CA ARG E 137 -1.99 14.27 -8.91
C ARG E 137 -2.49 15.45 -8.09
N ALA E 138 -2.35 15.36 -6.77
CA ALA E 138 -2.78 16.40 -5.84
C ALA E 138 -4.27 16.73 -6.01
N HIS F 23 29.01 -2.50 -26.78
CA HIS F 23 28.04 -3.23 -27.58
C HIS F 23 26.65 -3.12 -26.98
N ARG F 24 25.95 -2.02 -27.27
CA ARG F 24 24.62 -1.80 -26.75
C ARG F 24 23.83 -1.00 -27.78
N LYS F 25 22.56 -0.75 -27.47
CA LYS F 25 21.67 0.04 -28.31
C LYS F 25 21.02 1.14 -27.49
N VAL F 26 20.63 2.21 -28.18
CA VAL F 26 19.88 3.30 -27.57
C VAL F 26 18.44 3.22 -28.06
N LEU F 27 17.49 3.45 -27.16
CA LEU F 27 16.08 3.30 -27.45
C LEU F 27 15.40 4.67 -27.38
N ARG F 28 14.72 5.03 -28.46
CA ARG F 28 13.95 6.26 -28.55
C ARG F 28 12.66 5.98 -29.30
N ASP F 29 11.64 6.80 -29.03
CA ASP F 29 10.33 6.64 -29.67
C ASP F 29 9.79 5.22 -29.45
N ASN F 30 9.55 4.91 -28.18
CA ASN F 30 9.25 3.54 -27.78
C ASN F 30 7.96 3.50 -26.98
N ILE F 31 7.63 4.61 -26.29
CA ILE F 31 6.42 4.64 -25.49
C ILE F 31 5.19 4.39 -26.35
N GLN F 32 5.23 4.80 -27.62
CA GLN F 32 4.16 4.46 -28.56
C GLN F 32 4.25 3.02 -29.05
N GLY F 33 5.12 2.21 -28.46
CA GLY F 33 5.06 0.77 -28.69
C GLY F 33 3.93 0.10 -27.93
N ILE F 34 3.33 0.81 -26.99
CA ILE F 34 2.09 0.37 -26.32
C ILE F 34 0.95 0.75 -27.27
N THR F 35 0.58 -0.19 -28.14
CA THR F 35 -0.29 0.12 -29.27
C THR F 35 -1.69 0.50 -28.80
N LYS F 36 -2.42 1.15 -29.69
CA LYS F 36 -3.82 1.47 -29.42
C LYS F 36 -4.67 0.23 -29.15
N PRO F 37 -4.56 -0.87 -29.90
CA PRO F 37 -5.31 -2.08 -29.51
C PRO F 37 -4.98 -2.57 -28.12
N ALA F 38 -3.75 -2.43 -27.65
CA ALA F 38 -3.42 -2.85 -26.29
C ALA F 38 -4.18 -2.01 -25.26
N ILE F 39 -4.25 -0.70 -25.48
CA ILE F 39 -5.03 0.16 -24.58
C ILE F 39 -6.51 -0.20 -24.66
N ARG F 40 -7.00 -0.52 -25.86
CA ARG F 40 -8.38 -0.93 -26.00
C ARG F 40 -8.66 -2.19 -25.21
N ARG F 41 -7.76 -3.18 -25.28
CA ARG F 41 -7.94 -4.43 -24.54
C ARG F 41 -7.88 -4.19 -23.04
N LEU F 42 -6.97 -3.33 -22.59
CA LEU F 42 -6.92 -2.99 -21.17
C LEU F 42 -8.22 -2.34 -20.72
N ALA F 43 -8.78 -1.44 -21.53
CA ALA F 43 -10.05 -0.81 -21.19
C ALA F 43 -11.18 -1.85 -21.16
N ARG F 44 -11.17 -2.78 -22.12
CA ARG F 44 -12.21 -3.81 -22.14
C ARG F 44 -12.15 -4.67 -20.89
N ARG F 45 -10.95 -5.07 -20.47
CA ARG F 45 -10.84 -5.79 -19.20
C ARG F 45 -11.27 -4.91 -18.03
N GLY F 46 -11.05 -3.60 -18.14
CA GLY F 46 -11.55 -2.71 -17.10
C GLY F 46 -13.06 -2.65 -17.04
N GLY F 47 -13.71 -2.66 -18.21
CA GLY F 47 -15.15 -2.60 -18.25
C GLY F 47 -15.68 -1.42 -19.05
N VAL F 48 -14.86 -0.94 -19.98
CA VAL F 48 -15.18 0.26 -20.76
C VAL F 48 -15.86 -0.17 -22.06
N LYS F 49 -16.98 0.47 -22.38
CA LYS F 49 -17.73 0.15 -23.59
C LYS F 49 -17.29 1.00 -24.78
N ARG F 50 -17.22 2.31 -24.60
CA ARG F 50 -16.77 3.23 -25.64
C ARG F 50 -15.52 3.96 -25.16
N ILE F 51 -14.56 4.12 -26.07
CA ILE F 51 -13.26 4.71 -25.77
C ILE F 51 -13.09 5.94 -26.63
N SER F 52 -12.86 7.09 -25.99
CA SER F 52 -12.53 8.29 -26.74
C SER F 52 -11.12 8.17 -27.32
N GLY F 53 -10.94 8.77 -28.50
CA GLY F 53 -9.67 8.63 -29.19
C GLY F 53 -8.52 9.37 -28.56
N LEU F 54 -8.78 10.19 -27.54
CA LEU F 54 -7.74 11.01 -26.92
C LEU F 54 -7.12 10.37 -25.69
N ILE F 55 -7.63 9.22 -25.23
CA ILE F 55 -7.10 8.63 -23.99
C ILE F 55 -5.87 7.77 -24.21
N TYR F 56 -5.58 7.37 -25.45
CA TYR F 56 -4.36 6.61 -25.70
C TYR F 56 -3.12 7.44 -25.39
N GLU F 57 -3.10 8.69 -25.84
CA GLU F 57 -1.99 9.58 -25.56
C GLU F 57 -1.89 9.94 -24.08
N GLU F 58 -2.97 9.74 -23.32
CA GLU F 58 -2.96 9.97 -21.89
C GLU F 58 -2.69 8.69 -21.11
N THR F 59 -3.23 7.56 -21.57
CA THR F 59 -2.92 6.29 -20.93
C THR F 59 -1.43 5.96 -21.06
N ARG F 60 -0.84 6.30 -22.21
CA ARG F 60 0.59 6.08 -22.38
C ARG F 60 1.39 6.92 -21.39
N GLY F 61 1.00 8.17 -21.17
CA GLY F 61 1.70 9.01 -20.20
C GLY F 61 1.53 8.50 -18.78
N VAL F 62 0.32 8.05 -18.43
CA VAL F 62 0.08 7.51 -17.09
C VAL F 62 0.93 6.27 -16.87
N LEU F 63 0.97 5.38 -17.86
CA LEU F 63 1.81 4.19 -17.76
C LEU F 63 3.27 4.57 -17.66
N LYS F 64 3.70 5.58 -18.40
CA LYS F 64 5.09 6.01 -18.36
C LYS F 64 5.47 6.53 -16.98
N VAL F 65 4.61 7.35 -16.36
CA VAL F 65 4.97 7.90 -15.06
C VAL F 65 4.94 6.82 -13.99
N PHE F 66 3.95 5.92 -14.04
CA PHE F 66 3.91 4.82 -13.08
C PHE F 66 5.14 3.94 -13.20
N LEU F 67 5.52 3.60 -14.43
CA LEU F 67 6.71 2.78 -14.65
C LEU F 67 7.95 3.53 -14.22
N GLU F 68 8.01 4.84 -14.44
CA GLU F 68 9.17 5.61 -14.01
C GLU F 68 9.34 5.53 -12.50
N ASN F 69 8.25 5.71 -11.76
CA ASN F 69 8.34 5.63 -10.30
C ASN F 69 8.77 4.23 -9.84
N VAL F 70 8.11 3.19 -10.37
CA VAL F 70 8.40 1.84 -9.90
C VAL F 70 9.83 1.44 -10.27
N ILE F 71 10.27 1.77 -11.48
CA ILE F 71 11.62 1.41 -11.90
C ILE F 71 12.66 2.23 -11.17
N ARG F 72 12.35 3.48 -10.82
CA ARG F 72 13.29 4.25 -10.00
C ARG F 72 13.49 3.59 -8.64
N ASP F 73 12.39 3.18 -8.00
CA ASP F 73 12.52 2.51 -6.71
C ASP F 73 13.26 1.18 -6.84
N ALA F 74 12.96 0.41 -7.89
CA ALA F 74 13.63 -0.87 -8.10
C ALA F 74 15.12 -0.69 -8.36
N VAL F 75 15.48 0.34 -9.14
CA VAL F 75 16.88 0.59 -9.44
C VAL F 75 17.61 1.06 -8.19
N THR F 76 16.95 1.83 -7.33
CA THR F 76 17.56 2.20 -6.06
C THR F 76 17.81 0.96 -5.20
N TYR F 77 16.82 0.06 -5.14
CA TYR F 77 17.00 -1.17 -4.37
C TYR F 77 18.16 -2.00 -4.91
N THR F 78 18.27 -2.09 -6.25
CA THR F 78 19.37 -2.83 -6.86
C THR F 78 20.70 -2.16 -6.56
N GLU F 79 20.77 -0.84 -6.66
CA GLU F 79 22.02 -0.11 -6.45
C GLU F 79 22.51 -0.28 -5.02
N HIS F 80 21.60 -0.25 -4.04
CA HIS F 80 22.03 -0.46 -2.66
C HIS F 80 22.60 -1.86 -2.45
N ALA F 81 22.17 -2.82 -3.26
CA ALA F 81 22.62 -4.20 -3.12
C ALA F 81 23.93 -4.48 -3.83
N LYS F 82 24.56 -3.46 -4.43
N LYS F 82 24.55 -3.45 -4.43
CA LYS F 82 25.79 -3.63 -5.20
CA LYS F 82 25.79 -3.61 -5.20
C LYS F 82 25.62 -4.63 -6.33
C LYS F 82 25.61 -4.64 -6.32
N ARG F 83 24.46 -4.60 -6.97
CA ARG F 83 24.14 -5.49 -8.07
C ARG F 83 24.02 -4.67 -9.36
N LYS F 84 24.14 -5.36 -10.48
CA LYS F 84 24.03 -4.71 -11.80
C LYS F 84 22.90 -5.30 -12.63
N THR F 85 21.95 -5.97 -12.00
CA THR F 85 20.78 -6.50 -12.68
C THR F 85 19.58 -6.43 -11.75
N VAL F 86 18.46 -5.92 -12.26
CA VAL F 86 17.24 -5.78 -11.47
C VAL F 86 16.56 -7.15 -11.39
N THR F 87 16.50 -7.71 -10.19
CA THR F 87 15.83 -8.98 -9.98
C THR F 87 14.33 -8.77 -9.86
N ALA F 88 13.59 -9.87 -9.66
CA ALA F 88 12.15 -9.77 -9.45
C ALA F 88 11.82 -9.29 -8.05
N MET F 89 12.62 -9.69 -7.06
CA MET F 89 12.38 -9.22 -5.70
C MET F 89 12.53 -7.72 -5.57
N ASP F 90 13.44 -7.12 -6.36
CA ASP F 90 13.59 -5.67 -6.33
C ASP F 90 12.30 -4.98 -6.80
N VAL F 91 11.71 -5.47 -7.88
CA VAL F 91 10.46 -4.89 -8.36
C VAL F 91 9.33 -5.14 -7.37
N VAL F 92 9.32 -6.33 -6.74
CA VAL F 92 8.29 -6.63 -5.76
C VAL F 92 8.37 -5.67 -4.59
N TYR F 93 9.58 -5.41 -4.09
CA TYR F 93 9.75 -4.48 -2.98
C TYR F 93 9.44 -3.05 -3.40
N ALA F 94 9.79 -2.68 -4.63
CA ALA F 94 9.47 -1.34 -5.12
C ALA F 94 7.96 -1.13 -5.19
N LEU F 95 7.23 -2.15 -5.62
CA LEU F 95 5.77 -2.04 -5.64
C LEU F 95 5.20 -2.04 -4.23
N LYS F 96 5.78 -2.84 -3.33
CA LYS F 96 5.31 -2.88 -1.95
C LYS F 96 5.52 -1.56 -1.25
N ARG F 97 6.57 -0.82 -1.62
CA ARG F 97 6.81 0.48 -0.99
C ARG F 97 5.68 1.46 -1.28
N GLN F 98 5.14 1.44 -2.49
CA GLN F 98 4.07 2.33 -2.89
C GLN F 98 2.69 1.80 -2.52
N GLY F 99 2.62 0.88 -1.57
CA GLY F 99 1.35 0.33 -1.15
C GLY F 99 0.62 -0.47 -2.21
N ARG F 100 1.37 -1.19 -3.04
CA ARG F 100 0.80 -2.05 -4.09
C ARG F 100 1.54 -3.39 -4.04
N THR F 101 1.05 -4.31 -3.21
CA THR F 101 1.70 -5.59 -3.07
C THR F 101 1.46 -6.44 -4.31
N LEU F 102 2.38 -7.37 -4.56
CA LEU F 102 2.31 -8.22 -5.75
C LEU F 102 2.61 -9.66 -5.34
N TYR F 103 1.61 -10.53 -5.48
CA TYR F 103 1.76 -11.95 -5.19
C TYR F 103 2.07 -12.71 -6.47
N GLY F 104 3.09 -13.57 -6.42
CA GLY F 104 3.37 -14.42 -7.56
C GLY F 104 4.84 -14.49 -7.93
N PHE F 105 5.64 -13.54 -7.44
CA PHE F 105 7.05 -13.47 -7.80
C PHE F 105 7.96 -13.50 -6.58
N GLY F 106 7.47 -14.02 -5.46
CA GLY F 106 8.27 -14.11 -4.25
C GLY F 106 8.04 -12.96 -3.29
N ALA G 13 39.44 7.19 31.07
CA ALA G 13 38.40 8.10 30.61
C ALA G 13 38.76 9.54 30.95
N ARG G 14 39.96 9.96 30.58
CA ARG G 14 40.46 11.30 30.83
C ARG G 14 40.36 12.09 29.53
N ALA G 15 39.26 12.81 29.36
CA ALA G 15 39.03 13.61 28.16
C ALA G 15 38.01 14.69 28.50
N LYS G 16 37.73 15.54 27.52
CA LYS G 16 36.78 16.64 27.69
C LYS G 16 35.36 16.26 27.33
N ALA G 17 35.12 15.01 26.91
CA ALA G 17 33.79 14.51 26.58
C ALA G 17 33.13 15.35 25.48
N LYS G 18 33.77 15.33 24.30
CA LYS G 18 33.22 16.02 23.16
C LYS G 18 32.01 15.26 22.62
N THR G 19 30.84 15.89 22.68
CA THR G 19 29.62 15.23 22.25
C THR G 19 29.65 14.99 20.74
N ARG G 20 28.95 13.93 20.31
CA ARG G 20 28.98 13.54 18.91
C ARG G 20 28.21 14.51 18.03
N SER G 21 27.31 15.32 18.59
CA SER G 21 26.64 16.35 17.82
C SER G 21 27.53 17.55 17.55
N SER G 22 28.66 17.68 18.25
CA SER G 22 29.59 18.76 18.01
C SER G 22 30.63 18.43 16.94
N ARG G 23 31.04 17.17 16.86
CA ARG G 23 31.99 16.78 15.81
C ARG G 23 31.37 16.93 14.43
N ALA G 24 30.12 16.53 14.28
CA ALA G 24 29.46 16.57 12.99
C ALA G 24 28.86 17.93 12.66
N GLY G 25 28.86 18.86 13.61
CA GLY G 25 28.28 20.18 13.37
C GLY G 25 26.77 20.24 13.41
N LEU G 26 26.10 19.17 13.84
CA LEU G 26 24.66 19.16 13.91
C LEU G 26 24.17 19.77 15.21
N GLN G 27 22.85 19.94 15.30
CA GLN G 27 22.19 20.34 16.53
C GLN G 27 21.34 19.24 17.13
N PHE G 28 20.84 18.32 16.31
CA PHE G 28 20.10 17.18 16.82
C PHE G 28 21.03 16.22 17.55
N PRO G 29 20.52 15.50 18.55
CA PRO G 29 21.40 14.65 19.37
C PRO G 29 21.76 13.37 18.63
N VAL G 30 23.05 13.20 18.37
CA VAL G 30 23.52 11.96 17.76
C VAL G 30 23.41 10.80 18.74
N GLY G 31 23.72 11.04 20.02
CA GLY G 31 23.64 9.97 21.00
C GLY G 31 22.23 9.48 21.22
N ARG G 32 21.27 10.39 21.31
CA ARG G 32 19.88 9.98 21.50
C ARG G 32 19.35 9.23 20.29
N VAL G 33 19.71 9.67 19.08
CA VAL G 33 19.30 8.96 17.87
C VAL G 33 19.92 7.57 17.83
N HIS G 34 21.18 7.45 18.24
CA HIS G 34 21.83 6.14 18.30
C HIS G 34 21.13 5.24 19.31
N ARG G 35 20.77 5.78 20.47
CA ARG G 35 20.07 4.99 21.47
C ARG G 35 18.71 4.52 20.96
N LEU G 36 17.99 5.40 20.27
CA LEU G 36 16.69 5.01 19.72
C LEU G 36 16.85 3.94 18.64
N LEU G 37 17.85 4.09 17.77
CA LEU G 37 18.10 3.09 16.75
C LEU G 37 18.45 1.74 17.37
N ARG G 38 19.22 1.76 18.46
CA ARG G 38 19.60 0.51 19.13
C ARG G 38 18.39 -0.14 19.78
N LYS G 39 17.72 0.57 20.69
CA LYS G 39 16.51 0.05 21.32
C LYS G 39 15.25 0.47 20.57
N GLY G 40 15.24 0.26 19.26
CA GLY G 40 14.05 0.46 18.47
C GLY G 40 13.65 -0.78 17.71
N ASN G 41 14.38 -1.88 17.93
CA ASN G 41 14.14 -3.16 17.26
C ASN G 41 14.21 -3.00 15.74
N TYR G 42 15.36 -2.54 15.27
CA TYR G 42 15.61 -2.35 13.84
C TYR G 42 16.65 -3.31 13.30
N SER G 43 17.77 -3.48 13.99
CA SER G 43 18.78 -4.44 13.59
C SER G 43 19.60 -4.83 14.80
N GLU G 44 20.33 -5.94 14.68
CA GLU G 44 21.16 -6.41 15.78
C GLU G 44 22.27 -5.42 16.10
N ARG G 45 22.87 -4.81 15.09
CA ARG G 45 23.93 -3.84 15.26
C ARG G 45 23.60 -2.58 14.46
N VAL G 46 24.14 -1.45 14.92
CA VAL G 46 23.93 -0.16 14.27
C VAL G 46 25.29 0.50 14.07
N GLY G 47 25.67 0.72 12.81
CA GLY G 47 26.96 1.31 12.53
C GLY G 47 27.10 2.69 13.16
N ALA G 48 28.35 3.06 13.46
CA ALA G 48 28.60 4.32 14.16
C ALA G 48 28.23 5.53 13.32
N GLY G 49 28.34 5.43 12.00
CA GLY G 49 28.03 6.54 11.12
C GLY G 49 26.58 6.69 10.74
N ALA G 50 25.71 5.78 11.17
CA ALA G 50 24.29 5.84 10.82
C ALA G 50 23.54 6.87 11.66
N PRO G 51 23.74 6.93 12.99
CA PRO G 51 23.07 8.00 13.75
C PRO G 51 23.45 9.38 13.29
N VAL G 52 24.70 9.61 12.88
CA VAL G 52 25.10 10.92 12.41
C VAL G 52 24.35 11.29 11.14
N TYR G 53 24.29 10.35 10.19
CA TYR G 53 23.58 10.60 8.94
C TYR G 53 22.10 10.86 9.19
N LEU G 54 21.48 10.03 10.05
CA LEU G 54 20.06 10.19 10.32
C LEU G 54 19.78 11.50 11.03
N ALA G 55 20.61 11.88 11.98
CA ALA G 55 20.44 13.16 12.67
C ALA G 55 20.61 14.32 11.72
N ALA G 56 21.57 14.22 10.79
CA ALA G 56 21.75 15.28 9.80
C ALA G 56 20.53 15.42 8.90
N VAL G 57 19.96 14.29 8.46
CA VAL G 57 18.78 14.35 7.62
C VAL G 57 17.61 14.95 8.39
N LEU G 58 17.42 14.52 9.64
CA LEU G 58 16.34 15.06 10.46
C LEU G 58 16.50 16.55 10.67
N GLU G 59 17.72 16.99 10.96
CA GLU G 59 17.97 18.41 11.19
C GLU G 59 17.73 19.22 9.93
N TYR G 60 18.13 18.70 8.77
CA TYR G 60 17.89 19.41 7.52
C TYR G 60 16.39 19.55 7.26
N LEU G 61 15.64 18.46 7.43
CA LEU G 61 14.20 18.53 7.19
C LEU G 61 13.53 19.50 8.16
N THR G 62 13.91 19.45 9.44
CA THR G 62 13.36 20.37 10.42
C THR G 62 13.70 21.81 10.08
N ALA G 63 14.95 22.07 9.67
CA ALA G 63 15.34 23.43 9.31
C ALA G 63 14.55 23.94 8.11
N GLU G 64 14.34 23.08 7.11
CA GLU G 64 13.60 23.51 5.93
C GLU G 64 12.15 23.82 6.26
N ILE G 65 11.48 22.91 7.00
CA ILE G 65 10.07 23.15 7.31
C ILE G 65 9.92 24.34 8.23
N LEU G 66 10.87 24.55 9.15
CA LEU G 66 10.79 25.71 10.04
C LEU G 66 11.07 27.01 9.29
N GLU G 67 11.96 26.97 8.30
CA GLU G 67 12.19 28.15 7.47
C GLU G 67 10.93 28.52 6.70
N LEU G 68 10.27 27.52 6.10
CA LEU G 68 9.04 27.80 5.36
C LEU G 68 7.93 28.29 6.30
N ALA G 69 7.84 27.71 7.49
CA ALA G 69 6.83 28.16 8.45
C ALA G 69 7.09 29.59 8.91
N GLY G 70 8.34 29.94 9.16
CA GLY G 70 8.66 31.31 9.52
C GLY G 70 8.40 32.29 8.40
N ASN G 71 8.65 31.86 7.16
CA ASN G 71 8.31 32.70 6.01
C ASN G 71 6.81 32.91 5.92
N ALA G 72 6.01 31.86 6.17
CA ALA G 72 4.57 31.98 6.14
C ALA G 72 3.99 32.66 7.36
N ALA G 73 4.78 32.85 8.42
CA ALA G 73 4.32 33.55 9.62
C ALA G 73 4.66 35.04 9.59
N ARG G 74 5.74 35.41 8.90
CA ARG G 74 6.06 36.82 8.74
C ARG G 74 5.08 37.51 7.81
N ASP G 75 4.51 36.77 6.84
CA ASP G 75 3.51 37.35 5.95
C ASP G 75 2.26 37.77 6.72
N ASN G 76 1.84 36.96 7.69
CA ASN G 76 0.70 37.30 8.53
C ASN G 76 1.05 38.25 9.65
N LYS G 77 2.26 38.83 9.63
CA LYS G 77 2.73 39.76 10.65
C LYS G 77 2.65 39.13 12.04
N LYS G 78 3.30 37.98 12.18
CA LYS G 78 3.32 37.25 13.44
C LYS G 78 4.76 36.88 13.78
N THR G 79 5.01 36.76 15.09
CA THR G 79 6.32 36.41 15.61
C THR G 79 6.35 34.96 16.10
N ARG G 80 5.18 34.36 16.26
CA ARG G 80 5.09 33.05 16.89
C ARG G 80 4.48 32.07 15.89
N ILE G 81 5.22 31.01 15.56
CA ILE G 81 4.73 30.01 14.62
C ILE G 81 3.63 29.19 15.30
N ILE G 82 2.49 29.09 14.62
CA ILE G 82 1.34 28.35 15.14
C ILE G 82 1.08 27.18 14.20
N PRO G 83 0.23 26.20 14.56
CA PRO G 83 -0.02 25.08 13.64
C PRO G 83 -0.50 25.49 12.26
N ARG G 84 -1.29 26.57 12.16
CA ARG G 84 -1.75 27.02 10.85
C ARG G 84 -0.58 27.39 9.96
N HIS G 85 0.47 27.97 10.53
CA HIS G 85 1.64 28.33 9.74
C HIS G 85 2.38 27.09 9.24
N LEU G 86 2.47 26.05 10.08
CA LEU G 86 3.09 24.81 9.63
C LEU G 86 2.28 24.18 8.51
N GLN G 87 0.95 24.19 8.63
CA GLN G 87 0.11 23.64 7.56
C GLN G 87 0.26 24.45 6.28
N LEU G 88 0.37 25.77 6.39
CA LEU G 88 0.56 26.60 5.21
C LEU G 88 1.91 26.34 4.56
N ALA G 89 2.95 26.12 5.36
CA ALA G 89 4.28 25.84 4.84
C ALA G 89 4.39 24.44 4.27
N ILE G 90 3.54 23.51 4.69
CA ILE G 90 3.60 22.15 4.19
C ILE G 90 2.75 21.99 2.93
N ARG G 91 1.55 22.57 2.91
CA ARG G 91 0.66 22.41 1.77
C ARG G 91 1.12 23.20 0.55
N ASN G 92 2.04 24.14 0.69
CA ASN G 92 2.48 24.95 -0.44
C ASN G 92 3.67 24.34 -1.16
N ASP G 93 4.71 23.94 -0.44
CA ASP G 93 5.86 23.30 -1.07
C ASP G 93 5.44 21.96 -1.67
N GLU G 94 5.90 21.69 -2.88
N GLU G 94 5.90 21.69 -2.88
CA GLU G 94 5.51 20.47 -3.58
CA GLU G 94 5.51 20.47 -3.58
C GLU G 94 6.14 19.24 -2.92
C GLU G 94 6.14 19.24 -2.92
N GLU G 95 7.45 19.30 -2.63
CA GLU G 95 8.12 18.16 -2.04
C GLU G 95 7.59 17.85 -0.64
N LEU G 96 7.38 18.89 0.17
CA LEU G 96 6.85 18.67 1.52
C LEU G 96 5.42 18.14 1.47
N ASN G 97 4.60 18.67 0.58
CA ASN G 97 3.23 18.18 0.45
C ASN G 97 3.21 16.73 -0.01
N LYS G 98 4.16 16.35 -0.88
CA LYS G 98 4.25 14.96 -1.31
C LYS G 98 4.73 14.06 -0.19
N LEU G 99 5.66 14.55 0.64
CA LEU G 99 6.21 13.73 1.72
C LEU G 99 5.22 13.56 2.85
N LEU G 100 4.39 14.57 3.12
CA LEU G 100 3.42 14.56 4.20
C LEU G 100 2.00 14.64 3.67
N GLY G 101 1.72 13.91 2.59
CA GLY G 101 0.39 13.96 1.98
C GLY G 101 -0.69 13.37 2.87
N ARG G 102 -0.41 12.22 3.48
CA ARG G 102 -1.39 11.55 4.32
C ARG G 102 -1.45 12.10 5.74
N VAL G 103 -0.57 13.03 6.08
CA VAL G 103 -0.44 13.52 7.45
C VAL G 103 -1.47 14.61 7.70
N THR G 104 -2.18 14.51 8.82
CA THR G 104 -3.10 15.54 9.28
C THR G 104 -2.43 16.34 10.39
N ILE G 105 -2.50 17.67 10.27
CA ILE G 105 -1.92 18.57 11.27
C ILE G 105 -3.07 19.16 12.08
N ALA G 106 -3.03 18.95 13.40
CA ALA G 106 -4.07 19.47 14.27
C ALA G 106 -4.09 20.99 14.23
N GLN G 107 -5.30 21.55 14.14
N GLN G 107 -5.31 21.55 14.14
CA GLN G 107 -5.51 23.00 14.09
CA GLN G 107 -5.53 22.99 14.07
C GLN G 107 -4.79 23.64 12.91
C GLN G 107 -4.77 23.63 12.92
N GLY G 108 -4.56 22.87 11.85
CA GLY G 108 -3.87 23.40 10.69
C GLY G 108 -4.78 24.01 9.66
N GLY G 109 -6.08 23.69 9.73
CA GLY G 109 -6.98 24.19 8.72
C GLY G 109 -6.68 23.56 7.36
N VAL G 110 -7.15 24.24 6.31
CA VAL G 110 -6.93 23.80 4.94
C VAL G 110 -6.46 24.99 4.13
N LEU G 111 -5.85 24.70 2.99
CA LEU G 111 -5.36 25.75 2.11
C LEU G 111 -6.55 26.46 1.45
N PRO G 112 -6.53 27.79 1.38
CA PRO G 112 -7.65 28.52 0.80
C PRO G 112 -7.73 28.40 -0.71
N ASN G 113 -8.32 27.32 -1.21
CA ASN G 113 -8.46 27.06 -2.63
C ASN G 113 -9.94 26.95 -2.98
N ILE G 114 -10.39 27.79 -3.92
CA ILE G 114 -11.76 27.79 -4.40
C ILE G 114 -11.73 27.44 -5.89
N GLN G 115 -12.61 26.53 -6.29
CA GLN G 115 -12.67 26.13 -7.69
C GLN G 115 -13.10 27.30 -8.55
N ALA G 116 -12.61 27.32 -9.80
CA ALA G 116 -12.90 28.43 -10.70
C ALA G 116 -14.33 28.41 -11.20
N VAL G 117 -15.05 27.30 -11.04
CA VAL G 117 -16.42 27.24 -11.54
C VAL G 117 -17.40 27.83 -10.53
N LEU G 118 -17.11 27.72 -9.23
CA LEU G 118 -18.02 28.23 -8.21
C LEU G 118 -18.05 29.75 -8.19
N LEU G 119 -16.98 30.39 -8.64
CA LEU G 119 -16.92 31.84 -8.61
C LEU G 119 -17.94 32.45 -9.57
N PRO G 120 -18.44 33.66 -9.26
CA PRO G 120 -19.46 34.27 -10.13
C PRO G 120 -18.89 34.74 -11.45
N LYS G 121 -19.76 35.23 -12.33
CA LYS G 121 -19.34 35.69 -13.65
C LYS G 121 -19.32 37.21 -13.73
N ARG H 36 10.19 11.73 38.17
CA ARG H 36 8.74 11.78 38.16
C ARG H 36 8.20 11.80 36.73
N SER H 37 8.11 10.62 36.13
CA SER H 37 7.64 10.45 34.75
C SER H 37 8.42 11.35 33.79
N ARG H 38 9.74 11.14 33.77
CA ARG H 38 10.62 11.91 32.90
C ARG H 38 10.47 11.43 31.47
N LYS H 39 9.90 12.27 30.61
CA LYS H 39 9.70 11.94 29.20
C LYS H 39 10.57 12.85 28.33
N GLU H 40 11.19 12.25 27.32
CA GLU H 40 12.10 12.98 26.44
C GLU H 40 11.33 13.58 25.26
N SER H 41 12.00 14.50 24.56
CA SER H 41 11.39 15.18 23.44
C SER H 41 12.49 15.85 22.62
N TYR H 42 12.09 16.37 21.45
CA TYR H 42 12.99 17.12 20.58
C TYR H 42 12.78 18.62 20.70
N SER H 43 12.03 19.07 21.71
CA SER H 43 11.72 20.48 21.84
C SER H 43 12.93 21.33 22.20
N VAL H 44 14.00 20.73 22.73
CA VAL H 44 15.22 21.48 23.00
C VAL H 44 16.00 21.73 21.72
N TYR H 45 15.99 20.77 20.81
CA TYR H 45 16.77 20.84 19.57
C TYR H 45 16.02 21.52 18.44
N VAL H 46 14.71 21.32 18.35
CA VAL H 46 13.91 22.01 17.35
C VAL H 46 14.02 23.52 17.55
N TYR H 47 14.03 23.97 18.82
CA TYR H 47 14.19 25.38 19.09
C TYR H 47 15.55 25.88 18.63
N LYS H 48 16.60 25.09 18.85
CA LYS H 48 17.94 25.49 18.40
C LYS H 48 18.00 25.59 16.88
N VAL H 49 17.37 24.66 16.16
CA VAL H 49 17.35 24.73 14.71
C VAL H 49 16.54 25.93 14.24
N LEU H 50 15.45 26.25 14.94
CA LEU H 50 14.62 27.39 14.55
C LEU H 50 15.37 28.71 14.76
N LYS H 51 16.06 28.84 15.90
CA LYS H 51 16.80 30.07 16.16
C LYS H 51 17.92 30.27 15.15
N GLN H 52 18.54 29.18 14.69
CA GLN H 52 19.57 29.28 13.67
C GLN H 52 18.99 29.80 12.35
N VAL H 53 17.78 29.37 12.01
CA VAL H 53 17.18 29.78 10.74
C VAL H 53 16.50 31.13 10.87
N HIS H 54 15.62 31.28 11.86
CA HIS H 54 14.92 32.54 12.10
C HIS H 54 15.32 33.09 13.46
N PRO H 55 16.25 34.04 13.52
CA PRO H 55 16.77 34.50 14.81
C PRO H 55 15.74 35.24 15.66
N ASP H 56 14.66 35.72 15.08
CA ASP H 56 13.70 36.58 15.79
C ASP H 56 12.27 36.06 15.59
N THR H 57 12.08 34.76 15.76
CA THR H 57 10.77 34.15 15.57
C THR H 57 10.63 33.00 16.56
N GLY H 58 9.82 33.22 17.60
CA GLY H 58 9.51 32.16 18.52
C GLY H 58 8.50 31.18 17.95
N ILE H 59 8.32 30.07 18.67
CA ILE H 59 7.40 29.02 18.25
C ILE H 59 6.51 28.65 19.43
N SER H 60 5.21 28.53 19.17
CA SER H 60 4.26 28.22 20.22
C SER H 60 4.41 26.78 20.67
N SER H 61 3.92 26.50 21.89
CA SER H 61 4.02 25.16 22.45
C SER H 61 3.13 24.15 21.74
N LYS H 62 2.15 24.60 20.96
CA LYS H 62 1.33 23.70 20.18
C LYS H 62 1.94 23.36 18.83
N ALA H 63 2.69 24.29 18.24
CA ALA H 63 3.44 23.97 17.02
C ALA H 63 4.68 23.15 17.34
N MET H 64 5.24 23.32 18.54
CA MET H 64 6.39 22.50 18.93
C MET H 64 6.01 21.04 19.04
N GLY H 65 4.80 20.75 19.52
CA GLY H 65 4.33 19.37 19.55
C GLY H 65 4.19 18.78 18.16
N ILE H 66 3.71 19.58 17.20
CA ILE H 66 3.60 19.12 15.82
C ILE H 66 4.99 18.85 15.24
N MET H 67 5.96 19.73 15.52
CA MET H 67 7.30 19.50 15.02
C MET H 67 7.93 18.27 15.66
N ASN H 68 7.66 18.04 16.94
CA ASN H 68 8.15 16.84 17.61
C ASN H 68 7.55 15.58 16.97
N SER H 69 6.25 15.60 16.71
CA SER H 69 5.61 14.46 16.06
C SER H 69 6.15 14.25 14.65
N PHE H 70 6.41 15.34 13.93
CA PHE H 70 6.99 15.23 12.59
C PHE H 70 8.37 14.60 12.64
N VAL H 71 9.21 15.04 13.58
CA VAL H 71 10.55 14.47 13.71
C VAL H 71 10.46 12.99 14.04
N ASN H 72 9.59 12.62 14.99
CA ASN H 72 9.44 11.22 15.36
C ASN H 72 8.95 10.38 14.19
N ASP H 73 7.97 10.89 13.43
CA ASP H 73 7.43 10.14 12.30
C ASP H 73 8.48 9.94 11.21
N ILE H 74 9.23 11.00 10.88
CA ILE H 74 10.24 10.87 9.83
C ILE H 74 11.35 9.94 10.28
N PHE H 75 11.74 10.02 11.56
CA PHE H 75 12.73 9.10 12.10
C PHE H 75 12.25 7.67 12.01
N GLU H 76 10.98 7.42 12.35
CA GLU H 76 10.44 6.07 12.29
C GLU H 76 10.41 5.56 10.85
N ARG H 77 10.01 6.41 9.90
CA ARG H 77 9.99 6.00 8.51
C ARG H 77 11.38 5.62 8.03
N ILE H 78 12.37 6.49 8.27
CA ILE H 78 13.72 6.25 7.77
C ILE H 78 14.32 5.02 8.44
N ALA H 79 14.13 4.87 9.76
CA ALA H 79 14.68 3.73 10.46
C ALA H 79 14.03 2.43 10.02
N GLY H 80 12.71 2.43 9.78
CA GLY H 80 12.06 1.24 9.30
C GLY H 80 12.53 0.84 7.91
N GLU H 81 12.68 1.82 7.02
CA GLU H 81 13.17 1.51 5.69
C GLU H 81 14.62 1.01 5.73
N ALA H 82 15.44 1.59 6.62
CA ALA H 82 16.81 1.13 6.77
C ALA H 82 16.86 -0.29 7.29
N SER H 83 16.00 -0.62 8.25
CA SER H 83 15.95 -1.99 8.76
C SER H 83 15.50 -2.96 7.68
N ARG H 84 14.51 -2.57 6.88
CA ARG H 84 14.08 -3.43 5.78
C ARG H 84 15.20 -3.64 4.77
N LEU H 85 15.94 -2.57 4.46
CA LEU H 85 17.06 -2.69 3.54
C LEU H 85 18.14 -3.62 4.08
N ALA H 86 18.45 -3.50 5.37
CA ALA H 86 19.45 -4.37 5.98
C ALA H 86 18.99 -5.82 5.96
N HIS H 87 17.71 -6.06 6.25
N HIS H 87 17.71 -6.06 6.25
CA HIS H 87 17.19 -7.43 6.27
CA HIS H 87 17.20 -7.43 6.27
C HIS H 87 17.17 -8.03 4.87
C HIS H 87 17.16 -8.04 4.87
N TYR H 88 16.84 -7.24 3.86
CA TYR H 88 16.75 -7.76 2.50
C TYR H 88 18.09 -8.27 2.00
N ASN H 89 19.17 -7.55 2.31
CA ASN H 89 20.51 -7.95 1.92
C ASN H 89 21.19 -8.85 2.94
N LYS H 90 20.44 -9.37 3.91
CA LYS H 90 20.93 -10.26 4.95
C LYS H 90 22.02 -9.60 5.80
N ARG H 91 22.04 -8.28 5.86
CA ARG H 91 22.97 -7.55 6.72
C ARG H 91 22.37 -7.37 8.10
N SER H 92 23.21 -7.49 9.13
CA SER H 92 22.81 -7.27 10.51
C SER H 92 23.39 -5.99 11.08
N THR H 93 23.54 -4.95 10.24
CA THR H 93 24.11 -3.69 10.68
C THR H 93 23.56 -2.57 9.81
N ILE H 94 23.11 -1.50 10.44
CA ILE H 94 22.64 -0.31 9.74
C ILE H 94 23.84 0.63 9.61
N THR H 95 24.39 0.70 8.40
CA THR H 95 25.49 1.62 8.13
C THR H 95 24.92 2.93 7.61
N SER H 96 25.79 3.85 7.21
CA SER H 96 25.32 5.06 6.55
C SER H 96 24.73 4.77 5.17
N ARG H 97 25.15 3.68 4.54
CA ARG H 97 24.60 3.30 3.24
C ARG H 97 23.11 3.00 3.34
N GLU H 98 22.71 2.25 4.37
CA GLU H 98 21.29 1.93 4.53
C GLU H 98 20.46 3.18 4.76
N ILE H 99 20.95 4.09 5.60
CA ILE H 99 20.21 5.32 5.87
C ILE H 99 20.12 6.19 4.63
N GLN H 100 21.21 6.27 3.86
CA GLN H 100 21.20 7.07 2.64
C GLN H 100 20.23 6.49 1.62
N THR H 101 20.22 5.17 1.45
CA THR H 101 19.29 4.56 0.52
C THR H 101 17.85 4.73 1.00
N ALA H 102 17.61 4.62 2.29
CA ALA H 102 16.26 4.85 2.83
C ALA H 102 15.81 6.28 2.58
N VAL H 103 16.72 7.25 2.76
CA VAL H 103 16.40 8.65 2.47
C VAL H 103 16.06 8.82 1.00
N ARG H 104 16.86 8.22 0.11
CA ARG H 104 16.58 8.33 -1.31
C ARG H 104 15.24 7.71 -1.67
N LEU H 105 14.88 6.60 -1.00
CA LEU H 105 13.61 5.94 -1.29
C LEU H 105 12.42 6.75 -0.78
N LEU H 106 12.55 7.36 0.40
CA LEU H 106 11.41 8.01 1.03
C LEU H 106 11.27 9.47 0.60
N LEU H 107 12.34 10.26 0.74
CA LEU H 107 12.24 11.69 0.46
C LEU H 107 12.03 11.93 -1.03
N PRO H 108 11.10 12.80 -1.42
CA PRO H 108 10.78 12.95 -2.85
C PRO H 108 11.68 13.93 -3.59
N GLY H 109 12.38 13.44 -4.61
CA GLY H 109 13.09 14.28 -5.55
C GLY H 109 14.16 15.18 -4.96
N GLU H 110 13.94 16.49 -5.03
CA GLU H 110 14.95 17.46 -4.58
C GLU H 110 15.24 17.32 -3.10
N LEU H 111 14.21 17.03 -2.29
CA LEU H 111 14.43 16.80 -0.87
C LEU H 111 15.42 15.66 -0.65
N ALA H 112 15.31 14.59 -1.43
CA ALA H 112 16.21 13.46 -1.29
C ALA H 112 17.64 13.87 -1.59
N LYS H 113 17.85 14.63 -2.67
CA LYS H 113 19.20 15.06 -3.03
C LYS H 113 19.79 15.95 -1.94
N HIS H 114 19.00 16.91 -1.45
CA HIS H 114 19.51 17.83 -0.44
C HIS H 114 19.83 17.09 0.86
N ALA H 115 18.95 16.20 1.30
CA ALA H 115 19.20 15.47 2.54
C ALA H 115 20.38 14.50 2.40
N VAL H 116 20.54 13.89 1.22
CA VAL H 116 21.69 13.02 0.99
C VAL H 116 22.98 13.82 1.05
N SER H 117 23.00 15.01 0.44
CA SER H 117 24.18 15.85 0.52
C SER H 117 24.47 16.25 1.97
N GLU H 118 23.42 16.61 2.72
CA GLU H 118 23.60 16.99 4.12
C GLU H 118 24.18 15.85 4.94
N GLY H 119 23.62 14.64 4.76
CA GLY H 119 24.11 13.50 5.52
C GLY H 119 25.54 13.13 5.15
N THR H 120 25.87 13.17 3.86
CA THR H 120 27.23 12.86 3.44
C THR H 120 28.22 13.88 4.00
N LYS H 121 27.87 15.16 3.96
CA LYS H 121 28.75 16.19 4.53
C LYS H 121 28.92 16.00 6.03
N ALA H 122 27.83 15.70 6.74
CA ALA H 122 27.91 15.51 8.18
C ALA H 122 28.77 14.29 8.53
N VAL H 123 28.60 13.19 7.80
CA VAL H 123 29.40 12.00 8.07
C VAL H 123 30.87 12.26 7.77
N THR H 124 31.16 12.95 6.66
CA THR H 124 32.55 13.27 6.35
C THR H 124 33.17 14.15 7.43
N LYS H 125 32.42 15.15 7.90
CA LYS H 125 32.93 16.00 8.97
C LYS H 125 33.13 15.21 10.27
N TYR H 126 32.23 14.27 10.55
CA TYR H 126 32.34 13.49 11.78
C TYR H 126 33.57 12.59 11.77
N THR H 127 33.77 11.83 10.69
CA THR H 127 34.94 10.97 10.63
C THR H 127 36.24 11.74 10.41
N SER H 128 36.16 12.96 9.87
CA SER H 128 37.35 13.78 9.73
C SER H 128 37.78 14.44 11.04
N ALA H 129 36.89 14.51 12.02
CA ALA H 129 37.17 15.12 13.31
C ALA H 129 37.05 14.10 14.43
N LYS H 130 37.58 12.90 14.18
CA LYS H 130 37.54 11.79 15.15
C LYS H 130 36.11 11.48 15.58
N SER K 45 -2.88 -27.66 -40.50
CA SER K 45 -3.68 -26.56 -39.99
C SER K 45 -3.75 -26.60 -38.46
N ASN K 46 -4.90 -27.00 -37.92
CA ASN K 46 -5.10 -27.08 -36.48
C ASN K 46 -5.05 -28.51 -35.95
N GLU K 47 -4.96 -29.51 -36.82
CA GLU K 47 -4.81 -30.88 -36.36
C GLU K 47 -3.48 -31.06 -35.64
N GLU K 48 -2.42 -30.45 -36.17
CA GLU K 48 -1.12 -30.51 -35.51
C GLU K 48 -1.20 -29.90 -34.11
N TYR K 49 -1.96 -28.81 -33.96
CA TYR K 49 -2.10 -28.19 -32.65
C TYR K 49 -2.75 -29.14 -31.65
N MET K 50 -3.81 -29.85 -32.07
CA MET K 50 -4.48 -30.78 -31.18
C MET K 50 -3.56 -31.95 -30.83
N TYR K 51 -2.84 -32.49 -31.82
CA TYR K 51 -1.94 -33.59 -31.54
C TYR K 51 -0.83 -33.17 -30.57
N ALA K 52 -0.27 -31.98 -30.77
CA ALA K 52 0.76 -31.49 -29.85
C ALA K 52 0.19 -31.28 -28.45
N TYR K 53 -1.03 -30.72 -28.37
CA TYR K 53 -1.69 -30.55 -27.08
C TYR K 53 -1.81 -31.88 -26.36
N ARG K 54 -2.31 -32.90 -27.05
N ARG K 54 -2.32 -32.90 -27.05
CA ARG K 54 -2.52 -34.19 -26.42
CA ARG K 54 -2.53 -34.20 -26.42
C ARG K 54 -1.20 -34.82 -25.99
C ARG K 54 -1.21 -34.83 -25.99
N TRP K 55 -0.19 -34.76 -26.86
CA TRP K 55 1.10 -35.38 -26.54
C TRP K 55 1.74 -34.71 -25.34
N ILE K 56 1.70 -33.38 -25.29
CA ILE K 56 2.26 -32.68 -24.14
C ILE K 56 1.43 -32.94 -22.88
N ARG K 57 0.11 -33.06 -23.02
CA ARG K 57 -0.74 -33.20 -21.84
C ARG K 57 -0.59 -34.57 -21.19
N ASN K 58 -0.46 -35.63 -21.98
CA ASN K 58 -0.27 -36.96 -21.43
C ASN K 58 1.17 -37.47 -21.51
N HIS K 59 2.14 -36.62 -21.84
CA HIS K 59 3.55 -36.98 -21.76
C HIS K 59 4.42 -36.07 -20.91
N LEU K 60 3.95 -34.88 -20.55
CA LEU K 60 4.70 -33.96 -19.70
C LEU K 60 3.84 -33.50 -18.54
N GLU K 61 4.42 -33.49 -17.34
CA GLU K 61 3.73 -33.07 -16.13
C GLU K 61 4.51 -31.94 -15.48
N GLU K 62 3.77 -30.94 -15.02
CA GLU K 62 4.39 -29.74 -14.44
C GLU K 62 4.99 -30.05 -13.07
N HIS K 63 6.24 -29.65 -12.89
CA HIS K 63 6.95 -29.88 -11.63
C HIS K 63 7.99 -28.78 -11.46
N THR K 64 7.90 -28.04 -10.36
CA THR K 64 8.61 -26.76 -10.23
C THR K 64 10.13 -26.91 -10.20
N ASP K 65 10.65 -28.10 -9.90
CA ASP K 65 12.08 -28.26 -9.65
C ASP K 65 12.85 -28.77 -10.85
N THR K 66 12.45 -29.92 -11.40
CA THR K 66 13.26 -30.60 -12.41
C THR K 66 13.34 -29.80 -13.70
N CYS K 67 14.43 -30.02 -14.43
CA CYS K 67 14.68 -29.38 -15.71
C CYS K 67 15.01 -30.43 -16.75
N LEU K 68 14.49 -30.24 -17.97
CA LEU K 68 14.65 -31.19 -19.06
C LEU K 68 15.34 -30.55 -20.24
N PRO K 69 16.18 -31.28 -20.96
CA PRO K 69 16.77 -30.73 -22.19
C PRO K 69 15.68 -30.36 -23.18
N LYS K 70 15.76 -29.13 -23.70
CA LYS K 70 14.70 -28.62 -24.57
C LYS K 70 14.64 -29.36 -25.89
N GLN K 71 15.78 -29.81 -26.41
CA GLN K 71 15.80 -30.51 -27.69
C GLN K 71 15.28 -31.94 -27.56
N SER K 72 15.52 -32.59 -26.42
CA SER K 72 15.09 -33.98 -26.25
C SER K 72 13.58 -34.11 -26.31
N VAL K 73 12.85 -33.18 -25.68
CA VAL K 73 11.39 -33.24 -25.68
C VAL K 73 10.85 -33.11 -27.09
N TYR K 74 11.38 -32.14 -27.85
CA TYR K 74 10.91 -31.96 -29.22
C TYR K 74 11.26 -33.16 -30.09
N ASP K 75 12.44 -33.75 -29.89
CA ASP K 75 12.81 -34.93 -30.66
C ASP K 75 11.89 -36.11 -30.35
N ALA K 76 11.55 -36.29 -29.08
CA ALA K 76 10.62 -37.36 -28.71
C ALA K 76 9.25 -37.11 -29.32
N TYR K 77 8.79 -35.86 -29.29
CA TYR K 77 7.49 -35.55 -29.90
C TYR K 77 7.51 -35.80 -31.40
N ARG K 78 8.61 -35.44 -32.07
CA ARG K 78 8.71 -35.69 -33.50
C ARG K 78 8.74 -37.18 -33.81
N LYS K 79 9.43 -37.96 -32.98
CA LYS K 79 9.43 -39.41 -33.15
C LYS K 79 8.03 -39.98 -32.97
N TYR K 80 7.28 -39.47 -32.00
CA TYR K 80 5.90 -39.89 -31.82
C TYR K 80 5.06 -39.54 -33.04
N CYS K 81 5.25 -38.33 -33.58
CA CYS K 81 4.44 -37.87 -34.69
C CYS K 81 4.79 -38.58 -36.00
N GLU K 82 5.94 -39.24 -36.06
CA GLU K 82 6.33 -40.00 -37.25
C GLU K 82 5.74 -41.41 -37.22
N SER K 83 4.44 -41.49 -36.98
CA SER K 83 3.75 -42.78 -36.94
C SER K 83 2.39 -42.77 -37.62
N LEU K 84 1.95 -41.66 -38.20
CA LEU K 84 0.65 -41.58 -38.85
C LEU K 84 0.76 -40.97 -40.24
N ARG K 88 2.81 -35.44 -39.48
CA ARG K 88 3.20 -34.05 -39.67
C ARG K 88 3.41 -33.39 -38.31
N PRO K 89 4.67 -33.12 -37.94
CA PRO K 89 4.96 -32.50 -36.66
C PRO K 89 5.05 -30.98 -36.64
N LEU K 90 4.71 -30.41 -35.49
CA LEU K 90 4.70 -28.96 -35.34
C LEU K 90 6.12 -28.41 -35.45
N SER K 91 6.21 -27.19 -36.00
CA SER K 91 7.50 -26.54 -36.16
C SER K 91 8.13 -26.26 -34.80
N THR K 92 9.47 -26.28 -34.77
CA THR K 92 10.19 -26.08 -33.53
C THR K 92 9.96 -24.69 -32.95
N ALA K 93 9.56 -23.72 -33.77
CA ALA K 93 9.24 -22.39 -33.27
C ALA K 93 7.82 -22.28 -32.72
N ASN K 94 6.96 -23.25 -33.03
CA ASN K 94 5.59 -23.27 -32.51
C ASN K 94 5.41 -24.25 -31.36
N PHE K 95 6.24 -25.28 -31.28
CA PHE K 95 6.18 -26.18 -30.14
C PHE K 95 6.47 -25.44 -28.84
N GLY K 96 7.41 -24.49 -28.88
CA GLY K 96 7.65 -23.65 -27.71
C GLY K 96 6.43 -22.85 -27.32
N LYS K 97 5.74 -22.27 -28.30
CA LYS K 97 4.52 -21.52 -28.01
C LYS K 97 3.45 -22.43 -27.41
N ILE K 98 3.30 -23.64 -27.94
CA ILE K 98 2.29 -24.56 -27.43
C ILE K 98 2.60 -24.94 -25.99
N ILE K 99 3.87 -25.27 -25.71
CA ILE K 99 4.24 -25.68 -24.36
C ILE K 99 4.22 -24.50 -23.40
N ARG K 100 4.34 -23.27 -23.91
CA ARG K 100 4.17 -22.10 -23.05
C ARG K 100 2.70 -21.88 -22.72
N GLU K 101 1.81 -22.11 -23.70
CA GLU K 101 0.39 -22.00 -23.44
C GLU K 101 -0.09 -23.06 -22.46
N ILE K 102 0.40 -24.29 -22.59
CA ILE K 102 -0.06 -25.36 -21.73
C ILE K 102 0.44 -25.17 -20.29
N PHE K 103 1.73 -24.86 -20.14
CA PHE K 103 2.31 -24.65 -18.82
C PHE K 103 2.58 -23.17 -18.61
N PRO K 104 1.88 -22.50 -17.70
CA PRO K 104 2.16 -21.09 -17.44
C PRO K 104 3.53 -20.87 -16.81
N ASP K 105 3.84 -21.60 -15.75
CA ASP K 105 5.07 -21.42 -15.00
C ASP K 105 6.14 -22.37 -15.54
N ILE K 106 6.73 -21.98 -16.67
CA ILE K 106 7.84 -22.71 -17.25
C ILE K 106 8.87 -21.70 -17.75
N LYS K 107 10.13 -21.97 -17.47
CA LYS K 107 11.23 -21.09 -17.86
C LYS K 107 12.12 -21.79 -18.87
N ALA K 108 12.93 -21.00 -19.56
CA ALA K 108 13.86 -21.50 -20.57
C ALA K 108 15.28 -21.20 -20.10
N ARG K 109 15.86 -22.12 -19.34
CA ARG K 109 17.21 -21.93 -18.85
C ARG K 109 18.22 -22.37 -19.90
N ARG K 110 19.48 -22.00 -19.69
CA ARG K 110 20.59 -22.37 -20.58
C ARG K 110 21.67 -23.00 -19.70
N LEU K 111 21.57 -24.32 -19.51
CA LEU K 111 22.42 -25.00 -18.55
C LEU K 111 23.64 -25.59 -19.25
N GLY K 112 24.40 -26.40 -18.52
CA GLY K 112 25.62 -26.98 -19.04
C GLY K 112 26.84 -26.12 -18.78
N GLY K 113 28.00 -26.75 -18.88
CA GLY K 113 29.26 -26.08 -18.62
C GLY K 113 29.53 -24.97 -19.62
N ARG K 114 30.71 -24.36 -19.46
CA ARG K 114 31.10 -23.25 -20.32
C ARG K 114 31.28 -23.74 -21.76
N GLY K 115 30.66 -23.03 -22.70
CA GLY K 115 30.74 -23.40 -24.10
C GLY K 115 29.74 -24.47 -24.50
N GLN K 116 29.44 -25.38 -23.59
CA GLN K 116 28.51 -26.49 -23.84
C GLN K 116 27.13 -26.19 -23.26
N SER K 117 26.70 -24.94 -23.28
CA SER K 117 25.42 -24.55 -22.69
C SER K 117 24.29 -24.86 -23.66
N LYS K 118 23.35 -25.70 -23.23
CA LYS K 118 22.19 -26.08 -24.02
C LYS K 118 20.92 -25.62 -23.32
N TYR K 119 19.89 -25.34 -24.13
CA TYR K 119 18.62 -24.86 -23.61
C TYR K 119 17.88 -26.00 -22.90
N CYS K 120 17.12 -25.63 -21.87
CA CYS K 120 16.37 -26.59 -21.07
C CYS K 120 15.08 -25.96 -20.57
N TYR K 121 13.99 -26.72 -20.67
CA TYR K 121 12.76 -26.35 -19.99
C TYR K 121 12.92 -26.52 -18.49
N SER K 122 12.41 -25.57 -17.73
CA SER K 122 12.46 -25.60 -16.27
C SER K 122 11.04 -25.47 -15.74
N GLY K 123 10.54 -26.52 -15.11
CA GLY K 123 9.19 -26.51 -14.58
C GLY K 123 8.37 -27.71 -15.00
N ILE K 124 8.94 -28.59 -15.83
CA ILE K 124 8.24 -29.77 -16.33
C ILE K 124 9.14 -30.97 -16.18
N ARG K 125 8.52 -32.15 -16.21
CA ARG K 125 9.25 -33.42 -16.28
C ARG K 125 8.37 -34.43 -16.99
N ARG K 126 8.92 -35.64 -17.20
CA ARG K 126 8.16 -36.70 -17.83
C ARG K 126 7.08 -37.20 -16.89
N LYS K 127 5.93 -37.56 -17.46
CA LYS K 127 4.78 -38.00 -16.67
C LYS K 127 4.93 -39.43 -16.17
N THR K 128 6.06 -40.08 -16.44
CA THR K 128 6.34 -41.45 -15.98
C THR K 128 5.25 -42.42 -16.43
N LEU K 129 4.79 -42.26 -17.67
CA LEU K 129 3.77 -43.14 -18.23
C LEU K 129 3.77 -43.07 -19.75
#